data_8BGT
#
_entry.id   8BGT
#
_cell.length_a   63.260
_cell.length_b   76.780
_cell.length_c   169.150
_cell.angle_alpha   90.000
_cell.angle_beta   96.670
_cell.angle_gamma   90.000
#
_symmetry.space_group_name_H-M   'C 1 2 1'
#
loop_
_entity.id
_entity.type
_entity.pdbx_description
1 polymer 'Methyltransferase Plu4890'
2 non-polymer S-ADENOSYLMETHIONINE
3 non-polymer TRYPTOPHAN
4 non-polymer GLYCEROL
5 water water
#
_entity_poly.entity_id   1
_entity_poly.type   'polypeptide(L)'
_entity_poly.pdbx_seq_one_letter_code
;SMLTELIASNRRSAAIHAFVDTGLSTHFKDGIYVDISELSRKSGVNYARFSRLCDFLVEMGVLVSNDNKFRLSDECHVFA
NPESFESFMIKLEICSHYSNAWLMYGKSLFEDDGKSAFEMAHGRPFFEYLDGNKFLKSNFDALMTRVSNLIVEKLLGIYD
FNQHNRILDVGGGEGELLVRISEKVKGKHYAVLDRYSELPVSDNIDFINGNFLNSIPSGYDLYILKNVLHNWSDSDSILI
LENFRKAMDKNSSLLLINMVKEPEFSRSFDILMDVLFLGKERSFTEFEYLANQAGLVVQETKVIDQSYSPYSFIKLQIK
;
_entity_poly.pdbx_strand_id   A,B
#
loop_
_chem_comp.id
_chem_comp.type
_chem_comp.name
_chem_comp.formula
GOL non-polymer GLYCEROL 'C3 H8 O3'
SAM non-polymer S-ADENOSYLMETHIONINE 'C15 H22 N6 O5 S'
#
# COMPACT_ATOMS: atom_id res chain seq x y z
N SER A 1 -49.11 31.22 -15.02
CA SER A 1 -49.47 30.02 -15.82
C SER A 1 -48.58 28.83 -15.42
N MET A 2 -49.05 27.61 -15.69
CA MET A 2 -48.32 26.35 -15.40
C MET A 2 -47.08 26.26 -16.31
N LEU A 3 -47.25 26.53 -17.61
CA LEU A 3 -46.18 26.36 -18.62
C LEU A 3 -45.15 27.49 -18.50
N THR A 4 -45.59 28.74 -18.25
CA THR A 4 -44.73 29.94 -18.27
C THR A 4 -43.77 29.88 -17.06
N GLU A 5 -44.27 29.46 -15.89
CA GLU A 5 -43.46 29.30 -14.65
C GLU A 5 -42.55 28.07 -14.77
N LEU A 6 -42.94 27.07 -15.56
CA LEU A 6 -42.08 25.88 -15.87
C LEU A 6 -40.89 26.34 -16.72
N ILE A 7 -41.16 27.13 -17.77
CA ILE A 7 -40.12 27.73 -18.67
C ILE A 7 -39.19 28.61 -17.83
N ALA A 8 -39.72 29.23 -16.77
CA ALA A 8 -38.98 30.14 -15.85
C ALA A 8 -38.54 29.40 -14.59
N SER A 9 -38.30 28.08 -14.67
CA SER A 9 -37.75 27.25 -13.57
C SER A 9 -36.36 27.76 -13.18
N ASN A 10 -35.58 28.21 -14.16
CA ASN A 10 -34.19 28.71 -14.03
C ASN A 10 -34.10 29.81 -12.97
N ARG A 11 -35.14 30.64 -12.84
CA ARG A 11 -35.16 31.84 -11.97
C ARG A 11 -35.06 31.40 -10.49
N ARG A 12 -35.64 30.26 -10.15
CA ARG A 12 -35.63 29.70 -8.76
C ARG A 12 -34.18 29.36 -8.35
N SER A 13 -33.46 28.63 -9.20
CA SER A 13 -32.04 28.23 -8.99
C SER A 13 -31.15 29.46 -8.85
N ALA A 14 -31.32 30.44 -9.75
CA ALA A 14 -30.50 31.67 -9.83
C ALA A 14 -30.68 32.53 -8.57
N ALA A 15 -31.93 32.68 -8.11
CA ALA A 15 -32.30 33.43 -6.88
C ALA A 15 -31.59 32.79 -5.67
N ILE A 16 -31.68 31.46 -5.55
CA ILE A 16 -31.02 30.68 -4.46
C ILE A 16 -29.51 30.98 -4.49
N HIS A 17 -28.90 30.88 -5.67
CA HIS A 17 -27.44 31.10 -5.91
C HIS A 17 -27.03 32.48 -5.42
N ALA A 18 -27.74 33.53 -5.86
CA ALA A 18 -27.48 34.94 -5.50
C ALA A 18 -27.48 35.08 -3.98
N PHE A 19 -28.37 34.36 -3.29
CA PHE A 19 -28.54 34.38 -1.82
C PHE A 19 -27.34 33.74 -1.11
N VAL A 20 -26.82 32.61 -1.62
CA VAL A 20 -25.81 31.78 -0.91
C VAL A 20 -24.40 32.11 -1.42
N ASP A 21 -24.19 32.19 -2.74
CA ASP A 21 -22.86 32.41 -3.36
C ASP A 21 -22.27 33.75 -2.91
N THR A 22 -23.12 34.73 -2.58
CA THR A 22 -22.71 36.05 -2.02
C THR A 22 -22.29 35.89 -0.55
N GLY A 23 -22.80 34.86 0.12
CA GLY A 23 -22.58 34.61 1.57
C GLY A 23 -23.55 35.37 2.45
N LEU A 24 -24.64 35.91 1.88
CA LEU A 24 -25.72 36.59 2.63
C LEU A 24 -26.44 35.55 3.52
N SER A 25 -26.59 34.33 3.01
CA SER A 25 -27.24 33.18 3.69
C SER A 25 -26.59 32.89 5.05
N THR A 26 -25.31 33.20 5.20
CA THR A 26 -24.48 32.90 6.41
C THR A 26 -24.88 33.82 7.56
N HIS A 27 -25.66 34.87 7.29
CA HIS A 27 -26.19 35.83 8.30
C HIS A 27 -27.45 35.25 8.97
N PHE A 28 -27.98 34.14 8.46
CA PHE A 28 -29.21 33.47 8.96
C PHE A 28 -28.83 32.22 9.76
N LYS A 29 -27.75 32.29 10.55
CA LYS A 29 -27.20 31.16 11.35
C LYS A 29 -28.09 30.88 12.55
N ASP A 30 -28.25 29.59 12.89
CA ASP A 30 -28.94 29.08 14.11
C ASP A 30 -30.43 29.46 14.05
N GLY A 31 -30.99 29.55 12.85
CA GLY A 31 -32.44 29.78 12.60
C GLY A 31 -32.93 31.13 13.08
N ILE A 32 -32.04 32.08 13.38
CA ILE A 32 -32.40 33.41 13.96
C ILE A 32 -33.06 34.25 12.87
N TYR A 33 -33.95 35.18 13.27
CA TYR A 33 -34.65 36.13 12.38
C TYR A 33 -33.72 37.32 12.09
N VAL A 34 -33.60 37.69 10.81
CA VAL A 34 -32.73 38.80 10.34
C VAL A 34 -33.61 39.99 9.95
N ASP A 35 -33.26 41.18 10.44
CA ASP A 35 -33.83 42.48 9.98
C ASP A 35 -33.05 42.91 8.73
N ILE A 36 -33.74 43.02 7.60
CA ILE A 36 -33.13 43.32 6.26
C ILE A 36 -32.49 44.72 6.32
N SER A 37 -33.16 45.67 6.98
CA SER A 37 -32.63 47.06 7.21
C SER A 37 -31.27 46.95 7.92
N GLU A 38 -31.22 46.25 9.06
CA GLU A 38 -29.98 46.04 9.85
C GLU A 38 -28.94 45.31 9.01
N LEU A 39 -29.34 44.29 8.24
CA LEU A 39 -28.41 43.51 7.38
C LEU A 39 -27.82 44.43 6.31
N SER A 40 -28.67 45.24 5.66
CA SER A 40 -28.28 46.26 4.64
C SER A 40 -27.26 47.23 5.26
N ARG A 41 -27.53 47.73 6.47
N ARG A 41 -27.55 47.73 6.46
CA ARG A 41 -26.64 48.64 7.21
CA ARG A 41 -26.67 48.62 7.25
C ARG A 41 -25.31 47.93 7.52
C ARG A 41 -25.32 47.92 7.51
N LYS A 42 -25.39 46.66 7.94
CA LYS A 42 -24.22 45.84 8.36
C LYS A 42 -23.38 45.44 7.13
N SER A 43 -24.01 44.75 6.17
CA SER A 43 -23.33 44.07 5.03
C SER A 43 -23.10 45.05 3.87
N GLY A 44 -23.96 46.05 3.70
CA GLY A 44 -23.90 47.02 2.60
C GLY A 44 -24.72 46.58 1.40
N VAL A 45 -25.51 45.50 1.54
CA VAL A 45 -26.45 45.00 0.50
C VAL A 45 -27.62 46.00 0.38
N ASN A 46 -28.17 46.15 -0.83
CA ASN A 46 -29.27 47.11 -1.13
C ASN A 46 -30.58 46.60 -0.51
N TYR A 47 -31.16 47.37 0.43
CA TYR A 47 -32.37 47.00 1.19
C TYR A 47 -33.52 46.64 0.24
N ALA A 48 -33.95 47.61 -0.57
CA ALA A 48 -35.15 47.52 -1.44
C ALA A 48 -35.05 46.26 -2.30
N ARG A 49 -33.94 46.11 -3.02
CA ARG A 49 -33.71 45.04 -4.05
C ARG A 49 -33.52 43.67 -3.37
N PHE A 50 -32.87 43.62 -2.20
CA PHE A 50 -32.66 42.33 -1.46
C PHE A 50 -33.97 41.89 -0.80
N SER A 51 -34.79 42.85 -0.33
CA SER A 51 -36.14 42.59 0.25
C SER A 51 -37.02 41.90 -0.80
N ARG A 52 -36.92 42.29 -2.07
CA ARG A 52 -37.71 41.69 -3.17
C ARG A 52 -37.23 40.25 -3.40
N LEU A 53 -35.93 39.99 -3.25
CA LEU A 53 -35.33 38.63 -3.33
C LEU A 53 -35.86 37.78 -2.17
N CYS A 54 -35.84 38.33 -0.95
CA CYS A 54 -36.33 37.66 0.29
C CYS A 54 -37.81 37.26 0.14
N ASP A 55 -38.63 38.11 -0.50
CA ASP A 55 -40.07 37.82 -0.76
C ASP A 55 -40.18 36.60 -1.69
N PHE A 56 -39.31 36.53 -2.72
CA PHE A 56 -39.27 35.40 -3.68
C PHE A 56 -38.75 34.13 -2.99
N LEU A 57 -37.81 34.27 -2.05
CA LEU A 57 -37.25 33.14 -1.26
C LEU A 57 -38.32 32.56 -0.33
N VAL A 58 -39.18 33.42 0.24
CA VAL A 58 -40.33 33.01 1.11
C VAL A 58 -41.31 32.19 0.27
N GLU A 59 -41.60 32.65 -0.96
CA GLU A 59 -42.52 31.98 -1.92
C GLU A 59 -42.02 30.56 -2.21
N MET A 60 -40.69 30.36 -2.25
CA MET A 60 -40.04 29.07 -2.62
C MET A 60 -39.89 28.17 -1.39
N GLY A 61 -40.15 28.71 -0.18
CA GLY A 61 -40.10 27.96 1.09
C GLY A 61 -38.71 27.94 1.71
N VAL A 62 -37.79 28.77 1.20
CA VAL A 62 -36.38 28.85 1.68
C VAL A 62 -36.36 29.72 2.94
N LEU A 63 -37.06 30.85 2.92
CA LEU A 63 -37.16 31.81 4.06
C LEU A 63 -38.56 31.73 4.69
N VAL A 64 -38.66 32.10 5.96
CA VAL A 64 -39.94 32.22 6.72
C VAL A 64 -40.07 33.68 7.16
N SER A 65 -41.21 34.31 6.83
CA SER A 65 -41.50 35.74 7.12
C SER A 65 -42.27 35.85 8.44
N ASN A 66 -41.82 36.74 9.33
CA ASN A 66 -42.48 37.03 10.63
C ASN A 66 -41.98 38.37 11.18
N ASP A 67 -42.90 39.21 11.66
CA ASP A 67 -42.61 40.51 12.34
C ASP A 67 -41.74 41.38 11.44
N ASN A 68 -42.06 41.42 10.14
CA ASN A 68 -41.31 42.19 9.11
C ASN A 68 -39.84 41.77 9.16
N LYS A 69 -39.59 40.46 9.26
CA LYS A 69 -38.22 39.86 9.34
C LYS A 69 -38.26 38.48 8.69
N PHE A 70 -37.08 37.92 8.40
CA PHE A 70 -36.90 36.64 7.66
C PHE A 70 -35.89 35.75 8.39
N ARG A 71 -36.25 34.48 8.57
CA ARG A 71 -35.33 33.39 9.00
C ARG A 71 -35.31 32.32 7.91
N LEU A 72 -34.23 31.53 7.84
CA LEU A 72 -34.19 30.31 6.98
C LEU A 72 -35.21 29.30 7.53
N SER A 73 -35.95 28.64 6.65
CA SER A 73 -36.87 27.52 6.98
C SER A 73 -36.04 26.38 7.58
N ASP A 74 -36.71 25.42 8.23
CA ASP A 74 -36.04 24.29 8.94
C ASP A 74 -35.22 23.47 7.94
N GLU A 75 -35.79 23.13 6.77
CA GLU A 75 -35.15 22.27 5.75
C GLU A 75 -33.95 23.00 5.11
N CYS A 76 -33.94 24.34 5.11
CA CYS A 76 -32.95 25.17 4.39
C CYS A 76 -31.91 25.77 5.35
N HIS A 77 -31.87 25.32 6.61
CA HIS A 77 -30.85 25.74 7.61
C HIS A 77 -29.44 25.49 7.06
N VAL A 78 -29.28 24.44 6.25
CA VAL A 78 -27.99 24.01 5.63
C VAL A 78 -27.35 25.18 4.85
N PHE A 79 -28.16 26.05 4.24
CA PHE A 79 -27.68 27.21 3.43
C PHE A 79 -26.92 28.21 4.29
N ALA A 80 -27.15 28.20 5.60
CA ALA A 80 -26.45 29.07 6.59
C ALA A 80 -24.99 28.66 6.70
N ASN A 81 -24.67 27.38 6.46
CA ASN A 81 -23.30 26.81 6.51
C ASN A 81 -22.75 26.73 5.09
N PRO A 82 -21.70 27.51 4.75
CA PRO A 82 -21.18 27.54 3.37
C PRO A 82 -20.45 26.25 2.95
N GLU A 83 -20.16 25.37 3.92
CA GLU A 83 -19.48 24.07 3.69
C GLU A 83 -20.48 22.91 3.84
N SER A 84 -21.79 23.22 3.80
CA SER A 84 -22.89 22.22 3.71
C SER A 84 -22.94 21.68 2.28
N PHE A 85 -23.44 20.45 2.10
CA PHE A 85 -23.52 19.74 0.80
C PHE A 85 -24.41 20.54 -0.16
N GLU A 86 -25.48 21.16 0.37
CA GLU A 86 -26.47 21.95 -0.42
C GLU A 86 -25.82 23.23 -0.94
N SER A 87 -25.00 23.89 -0.11
CA SER A 87 -24.27 25.14 -0.47
C SER A 87 -23.32 24.88 -1.64
N PHE A 88 -22.59 23.77 -1.62
CA PHE A 88 -21.64 23.36 -2.69
C PHE A 88 -22.44 23.02 -3.96
N MET A 89 -23.54 22.27 -3.79
CA MET A 89 -24.44 21.85 -4.91
C MET A 89 -24.87 23.08 -5.72
N ILE A 90 -25.37 24.13 -5.06
CA ILE A 90 -25.94 25.34 -5.73
C ILE A 90 -24.80 26.14 -6.38
N LYS A 91 -23.63 26.24 -5.75
CA LYS A 91 -22.45 26.96 -6.30
C LYS A 91 -21.96 26.27 -7.58
N LEU A 92 -22.05 24.93 -7.62
CA LEU A 92 -21.58 24.10 -8.76
C LEU A 92 -22.70 24.02 -9.82
N GLU A 93 -23.93 23.72 -9.40
CA GLU A 93 -25.13 23.54 -10.28
C GLU A 93 -25.25 24.72 -11.24
N ILE A 94 -25.31 25.94 -10.70
CA ILE A 94 -25.40 27.20 -11.50
C ILE A 94 -24.03 27.90 -11.43
N CYS A 95 -23.17 27.61 -12.41
CA CYS A 95 -21.91 28.33 -12.71
C CYS A 95 -21.78 28.40 -14.23
N SER A 96 -20.96 29.32 -14.75
CA SER A 96 -20.81 29.56 -16.20
C SER A 96 -20.56 28.22 -16.92
N HIS A 97 -19.69 27.37 -16.36
CA HIS A 97 -19.25 26.07 -16.93
C HIS A 97 -20.46 25.14 -17.12
N TYR A 98 -21.30 24.99 -16.10
CA TYR A 98 -22.52 24.12 -16.13
C TYR A 98 -23.52 24.68 -17.14
N SER A 99 -23.83 25.98 -17.04
CA SER A 99 -24.77 26.71 -17.93
C SER A 99 -24.34 26.53 -19.39
N ASN A 100 -23.05 26.74 -19.68
CA ASN A 100 -22.48 26.65 -21.05
C ASN A 100 -22.50 25.19 -21.53
N ALA A 101 -22.36 24.23 -20.62
CA ALA A 101 -22.49 22.78 -20.90
C ALA A 101 -23.94 22.46 -21.27
N TRP A 102 -24.90 22.97 -20.49
CA TRP A 102 -26.36 22.82 -20.74
C TRP A 102 -26.72 23.40 -22.11
N LEU A 103 -26.06 24.49 -22.53
CA LEU A 103 -26.40 25.22 -23.79
C LEU A 103 -25.92 24.43 -25.01
N MET A 104 -24.99 23.47 -24.83
CA MET A 104 -24.51 22.58 -25.92
C MET A 104 -25.29 21.27 -25.93
N TYR A 105 -26.09 21.00 -24.90
CA TYR A 105 -26.83 19.73 -24.69
C TYR A 105 -27.64 19.41 -25.96
N GLY A 106 -28.44 20.37 -26.42
CA GLY A 106 -29.25 20.27 -27.65
C GLY A 106 -28.42 19.84 -28.84
N LYS A 107 -27.27 20.50 -29.06
CA LYS A 107 -26.36 20.22 -30.20
C LYS A 107 -25.65 18.87 -29.97
N SER A 108 -25.39 18.50 -28.71
CA SER A 108 -24.69 17.24 -28.33
C SER A 108 -25.51 16.03 -28.77
N LEU A 109 -26.84 16.14 -28.75
CA LEU A 109 -27.79 15.03 -29.05
C LEU A 109 -27.70 14.60 -30.52
N PHE A 110 -27.02 15.36 -31.38
CA PHE A 110 -26.89 15.09 -32.84
C PHE A 110 -25.48 14.60 -33.20
N GLU A 111 -24.54 14.57 -32.25
CA GLU A 111 -23.14 14.11 -32.48
C GLU A 111 -22.98 12.67 -31.99
N ASP A 112 -22.17 11.87 -32.68
CA ASP A 112 -21.98 10.42 -32.42
C ASP A 112 -20.50 10.11 -32.14
N ASP A 113 -19.67 11.15 -31.94
CA ASP A 113 -18.19 11.05 -31.78
C ASP A 113 -17.81 10.91 -30.30
N GLY A 114 -18.79 10.68 -29.42
CA GLY A 114 -18.57 10.46 -27.98
C GLY A 114 -18.07 11.70 -27.27
N LYS A 115 -18.36 12.89 -27.80
CA LYS A 115 -18.05 14.21 -27.17
C LYS A 115 -19.24 14.65 -26.32
N SER A 116 -19.04 14.86 -25.02
CA SER A 116 -20.06 15.34 -24.06
C SER A 116 -20.37 16.82 -24.36
N ALA A 117 -21.57 17.27 -23.98
CA ALA A 117 -22.01 18.69 -24.09
C ALA A 117 -20.97 19.58 -23.40
N PHE A 118 -20.47 19.15 -22.23
CA PHE A 118 -19.41 19.84 -21.45
C PHE A 118 -18.16 20.00 -22.34
N GLU A 119 -17.73 18.92 -22.99
CA GLU A 119 -16.49 18.91 -23.84
C GLU A 119 -16.67 19.86 -25.02
N MET A 120 -17.84 19.83 -25.67
CA MET A 120 -18.18 20.71 -26.82
C MET A 120 -18.09 22.18 -26.40
N ALA A 121 -18.51 22.50 -25.18
CA ALA A 121 -18.49 23.87 -24.60
C ALA A 121 -17.06 24.27 -24.21
N HIS A 122 -16.29 23.33 -23.65
CA HIS A 122 -15.08 23.63 -22.82
C HIS A 122 -13.79 23.11 -23.46
N GLY A 123 -13.85 22.15 -24.38
CA GLY A 123 -12.70 21.72 -25.19
C GLY A 123 -12.08 20.40 -24.71
N ARG A 124 -12.37 19.98 -23.47
CA ARG A 124 -11.89 18.69 -22.90
C ARG A 124 -13.01 18.04 -22.09
N PRO A 125 -12.99 16.70 -21.87
CA PRO A 125 -13.97 16.05 -21.02
C PRO A 125 -13.81 16.52 -19.56
N PHE A 126 -14.81 16.26 -18.72
CA PHE A 126 -15.01 16.90 -17.40
C PHE A 126 -13.74 16.82 -16.55
N PHE A 127 -13.31 15.61 -16.19
CA PHE A 127 -12.19 15.36 -15.24
C PHE A 127 -10.91 15.97 -15.80
N GLU A 128 -10.67 15.75 -17.10
CA GLU A 128 -9.51 16.32 -17.86
C GLU A 128 -9.49 17.84 -17.68
N TYR A 129 -10.65 18.51 -17.80
CA TYR A 129 -10.81 19.98 -17.71
C TYR A 129 -10.51 20.45 -16.27
N LEU A 130 -11.00 19.72 -15.27
CA LEU A 130 -10.87 20.08 -13.83
C LEU A 130 -9.39 20.15 -13.42
N ASP A 131 -8.49 19.48 -14.15
CA ASP A 131 -7.02 19.51 -13.90
C ASP A 131 -6.49 20.94 -14.08
N GLY A 132 -7.13 21.76 -14.92
CA GLY A 132 -6.67 23.12 -15.25
C GLY A 132 -7.56 24.21 -14.65
N ASN A 133 -8.54 23.85 -13.82
CA ASN A 133 -9.53 24.80 -13.24
C ASN A 133 -9.69 24.54 -11.75
N LYS A 134 -9.09 25.40 -10.91
CA LYS A 134 -9.07 25.28 -9.42
C LYS A 134 -10.50 25.41 -8.88
N PHE A 135 -11.23 26.47 -9.25
CA PHE A 135 -12.61 26.76 -8.77
C PHE A 135 -13.48 25.51 -8.96
N LEU A 136 -13.40 24.90 -10.15
CA LEU A 136 -14.29 23.79 -10.57
C LEU A 136 -13.90 22.49 -9.86
N LYS A 137 -12.60 22.26 -9.62
CA LYS A 137 -12.10 21.01 -8.97
C LYS A 137 -12.45 21.03 -7.48
N SER A 138 -12.05 22.09 -6.77
CA SER A 138 -12.26 22.26 -5.31
C SER A 138 -13.75 22.06 -4.97
N ASN A 139 -14.64 22.75 -5.67
CA ASN A 139 -16.10 22.73 -5.41
C ASN A 139 -16.65 21.34 -5.71
N PHE A 140 -16.16 20.69 -6.77
CA PHE A 140 -16.54 19.30 -7.14
C PHE A 140 -16.04 18.33 -6.06
N ASP A 141 -14.74 18.39 -5.74
CA ASP A 141 -14.08 17.50 -4.74
C ASP A 141 -14.73 17.71 -3.37
N ALA A 142 -14.99 18.97 -3.00
CA ALA A 142 -15.64 19.36 -1.73
C ALA A 142 -17.06 18.80 -1.67
N LEU A 143 -17.80 18.87 -2.78
CA LEU A 143 -19.20 18.37 -2.87
C LEU A 143 -19.20 16.85 -2.61
N MET A 144 -18.37 16.11 -3.34
CA MET A 144 -18.28 14.62 -3.25
C MET A 144 -17.82 14.21 -1.83
N THR A 145 -16.91 14.97 -1.23
CA THR A 145 -16.46 14.81 0.17
C THR A 145 -17.66 14.86 1.13
N ARG A 146 -18.54 15.85 0.97
CA ARG A 146 -19.68 16.10 1.89
C ARG A 146 -20.69 14.95 1.79
N VAL A 147 -21.07 14.54 0.57
CA VAL A 147 -22.03 13.42 0.34
C VAL A 147 -21.41 12.11 0.85
N SER A 148 -20.08 11.98 0.79
CA SER A 148 -19.31 10.83 1.35
C SER A 148 -19.49 10.79 2.87
N ASN A 149 -19.20 11.89 3.54
CA ASN A 149 -19.30 12.05 5.02
C ASN A 149 -20.71 11.67 5.49
N LEU A 150 -21.74 12.04 4.70
CA LEU A 150 -23.18 11.85 5.03
C LEU A 150 -23.57 10.37 5.03
N ILE A 151 -22.98 9.53 4.17
CA ILE A 151 -23.44 8.12 3.93
C ILE A 151 -22.69 7.13 4.84
N VAL A 152 -21.61 7.55 5.50
CA VAL A 152 -20.67 6.65 6.24
C VAL A 152 -21.44 5.84 7.28
N GLU A 153 -22.13 6.53 8.20
CA GLU A 153 -22.90 5.92 9.32
C GLU A 153 -23.77 4.77 8.79
N LYS A 154 -24.43 4.98 7.66
CA LYS A 154 -25.45 4.05 7.09
C LYS A 154 -24.74 2.83 6.49
N LEU A 155 -23.52 3.01 5.94
CA LEU A 155 -22.69 1.92 5.39
C LEU A 155 -22.20 1.03 6.54
N LEU A 156 -21.49 1.63 7.51
CA LEU A 156 -20.86 0.92 8.67
C LEU A 156 -21.91 0.05 9.37
N GLY A 157 -23.16 0.50 9.41
CA GLY A 157 -24.28 -0.23 10.05
C GLY A 157 -24.70 -1.47 9.29
N ILE A 158 -24.84 -1.38 7.96
CA ILE A 158 -25.47 -2.43 7.10
C ILE A 158 -24.44 -3.53 6.75
N TYR A 159 -23.14 -3.20 6.74
CA TYR A 159 -22.05 -4.12 6.30
C TYR A 159 -20.95 -4.21 7.36
N ASP A 160 -20.40 -5.41 7.52
CA ASP A 160 -19.31 -5.72 8.49
C ASP A 160 -17.97 -5.39 7.83
N PHE A 161 -17.36 -4.26 8.21
CA PHE A 161 -16.03 -3.79 7.72
C PHE A 161 -14.91 -4.40 8.56
N ASN A 162 -15.24 -4.95 9.74
CA ASN A 162 -14.27 -5.46 10.74
C ASN A 162 -13.57 -6.73 10.19
N GLN A 163 -14.22 -7.44 9.27
CA GLN A 163 -13.74 -8.76 8.74
C GLN A 163 -12.51 -8.57 7.84
N HIS A 164 -12.40 -7.44 7.13
CA HIS A 164 -11.31 -7.17 6.13
C HIS A 164 -10.07 -6.60 6.82
N ASN A 165 -8.94 -6.54 6.10
CA ASN A 165 -7.61 -6.09 6.62
C ASN A 165 -6.99 -5.04 5.69
N ARG A 166 -7.07 -5.23 4.37
CA ARG A 166 -6.51 -4.31 3.34
C ARG A 166 -7.64 -3.78 2.45
N ILE A 167 -7.96 -2.49 2.56
CA ILE A 167 -9.11 -1.83 1.89
C ILE A 167 -8.61 -0.77 0.90
N LEU A 168 -9.10 -0.82 -0.35
CA LEU A 168 -8.81 0.19 -1.41
C LEU A 168 -10.13 0.82 -1.88
N ASP A 169 -10.24 2.14 -1.79
CA ASP A 169 -11.34 2.95 -2.37
C ASP A 169 -10.88 3.45 -3.75
N VAL A 170 -11.46 2.92 -4.83
CA VAL A 170 -11.08 3.23 -6.24
C VAL A 170 -11.89 4.44 -6.72
N GLY A 171 -11.20 5.52 -7.11
CA GLY A 171 -11.82 6.81 -7.47
C GLY A 171 -12.47 7.46 -6.27
N GLY A 172 -11.77 7.45 -5.13
CA GLY A 172 -12.32 7.87 -3.81
C GLY A 172 -12.21 9.37 -3.57
N GLY A 173 -11.79 10.15 -4.57
CA GLY A 173 -11.69 11.62 -4.52
C GLY A 173 -10.63 12.07 -3.51
N GLU A 174 -11.04 12.87 -2.52
CA GLU A 174 -10.17 13.37 -1.43
C GLU A 174 -9.92 12.27 -0.39
N GLY A 175 -10.66 11.16 -0.48
CA GLY A 175 -10.47 9.95 0.34
C GLY A 175 -11.37 9.93 1.57
N GLU A 176 -12.29 10.90 1.67
CA GLU A 176 -13.08 11.21 2.89
C GLU A 176 -13.83 9.96 3.39
N LEU A 177 -14.36 9.11 2.49
CA LEU A 177 -15.15 7.91 2.89
C LEU A 177 -14.28 7.02 3.80
N LEU A 178 -13.06 6.69 3.36
CA LEU A 178 -12.15 5.78 4.11
C LEU A 178 -11.63 6.47 5.38
N VAL A 179 -11.35 7.78 5.32
CA VAL A 179 -10.80 8.56 6.48
C VAL A 179 -11.83 8.52 7.61
N ARG A 180 -13.13 8.48 7.28
CA ARG A 180 -14.25 8.35 8.25
C ARG A 180 -14.34 6.90 8.74
N ILE A 181 -14.18 5.92 7.84
CA ILE A 181 -14.25 4.47 8.17
C ILE A 181 -12.99 4.10 8.98
N SER A 182 -11.85 4.75 8.72
CA SER A 182 -10.57 4.54 9.44
C SER A 182 -10.71 4.97 10.91
N GLU A 183 -11.63 5.88 11.21
CA GLU A 183 -11.88 6.43 12.57
C GLU A 183 -12.73 5.45 13.39
N LYS A 184 -13.66 4.73 12.75
CA LYS A 184 -14.63 3.82 13.42
C LYS A 184 -14.23 2.34 13.21
N VAL A 185 -13.40 2.06 12.21
CA VAL A 185 -12.80 0.71 11.96
C VAL A 185 -11.28 0.88 11.96
N LYS A 186 -10.59 0.24 12.90
CA LYS A 186 -9.21 0.60 13.33
C LYS A 186 -8.22 -0.50 12.96
N GLY A 187 -6.93 -0.14 12.87
CA GLY A 187 -5.78 -1.05 12.74
C GLY A 187 -5.82 -1.85 11.44
N LYS A 188 -6.24 -1.21 10.34
CA LYS A 188 -6.33 -1.83 8.99
C LYS A 188 -5.66 -0.89 7.99
N HIS A 189 -5.06 -1.45 6.92
CA HIS A 189 -4.38 -0.65 5.85
C HIS A 189 -5.42 -0.05 4.91
N TYR A 190 -5.37 1.28 4.75
CA TYR A 190 -6.32 2.10 3.95
C TYR A 190 -5.59 2.73 2.78
N ALA A 191 -6.10 2.51 1.56
CA ALA A 191 -5.57 3.08 0.30
C ALA A 191 -6.70 3.73 -0.50
N VAL A 192 -6.43 4.89 -1.11
CA VAL A 192 -7.37 5.64 -1.97
C VAL A 192 -6.71 5.86 -3.34
N LEU A 193 -7.33 5.33 -4.40
CA LEU A 193 -6.85 5.51 -5.80
C LEU A 193 -7.71 6.58 -6.49
N ASP A 194 -7.06 7.60 -7.05
CA ASP A 194 -7.71 8.63 -7.88
C ASP A 194 -6.63 9.30 -8.76
N ARG A 195 -7.05 10.17 -9.68
CA ARG A 195 -6.13 10.97 -10.55
C ARG A 195 -5.59 12.14 -9.72
N TYR A 196 -4.30 12.10 -9.37
CA TYR A 196 -3.60 13.15 -8.56
C TYR A 196 -2.38 13.66 -9.32
N SER A 197 -2.28 14.98 -9.49
CA SER A 197 -1.04 15.70 -9.91
C SER A 197 -0.10 15.82 -8.70
N GLU A 198 -0.69 16.05 -7.52
CA GLU A 198 0.01 16.09 -6.21
C GLU A 198 -0.78 15.23 -5.21
N LEU A 199 -0.12 14.24 -4.59
CA LEU A 199 -0.75 13.27 -3.65
C LEU A 199 -1.28 14.01 -2.44
N PRO A 200 -2.54 13.75 -2.01
CA PRO A 200 -3.03 14.22 -0.72
C PRO A 200 -2.25 13.54 0.41
N VAL A 201 -1.88 14.28 1.45
CA VAL A 201 -1.22 13.74 2.68
C VAL A 201 -2.32 13.53 3.74
N SER A 202 -2.16 12.50 4.58
CA SER A 202 -3.09 12.13 5.67
C SER A 202 -2.44 11.06 6.57
N ASP A 203 -2.85 11.00 7.85
CA ASP A 203 -2.31 10.05 8.86
C ASP A 203 -2.75 8.63 8.51
N ASN A 204 -1.78 7.75 8.23
CA ASN A 204 -1.98 6.31 7.87
C ASN A 204 -3.12 6.19 6.84
N ILE A 205 -2.99 6.89 5.73
CA ILE A 205 -3.79 6.68 4.48
C ILE A 205 -2.83 6.61 3.29
N ASP A 206 -3.07 5.66 2.39
CA ASP A 206 -2.19 5.35 1.23
C ASP A 206 -2.84 5.89 -0.05
N PHE A 207 -2.43 7.09 -0.47
CA PHE A 207 -2.99 7.80 -1.66
C PHE A 207 -2.21 7.39 -2.91
N ILE A 208 -2.91 6.83 -3.90
CA ILE A 208 -2.34 6.26 -5.15
C ILE A 208 -2.79 7.10 -6.35
N ASN A 209 -1.85 7.69 -7.08
CA ASN A 209 -2.09 8.29 -8.43
C ASN A 209 -2.28 7.13 -9.43
N GLY A 210 -3.52 6.84 -9.82
CA GLY A 210 -3.87 5.65 -10.63
C GLY A 210 -4.83 5.98 -11.78
N ASN A 211 -5.25 4.94 -12.50
CA ASN A 211 -6.19 5.02 -13.65
C ASN A 211 -6.96 3.69 -13.75
N PHE A 212 -8.23 3.68 -13.33
CA PHE A 212 -9.06 2.45 -13.23
C PHE A 212 -9.50 1.96 -14.62
N LEU A 213 -9.25 2.74 -15.67
CA LEU A 213 -9.44 2.31 -17.08
C LEU A 213 -8.29 1.37 -17.48
N ASN A 214 -7.09 1.63 -16.98
CA ASN A 214 -5.87 0.81 -17.25
C ASN A 214 -5.90 -0.46 -16.38
N SER A 215 -5.83 -0.31 -15.05
CA SER A 215 -5.80 -1.46 -14.10
C SER A 215 -6.09 -0.99 -12.66
N ILE A 216 -6.58 -1.93 -11.84
CA ILE A 216 -6.70 -1.80 -10.36
C ILE A 216 -5.52 -2.52 -9.73
N PRO A 217 -4.89 -1.98 -8.65
CA PRO A 217 -3.83 -2.70 -7.95
C PRO A 217 -4.39 -3.94 -7.24
N SER A 218 -3.70 -5.08 -7.37
CA SER A 218 -3.97 -6.33 -6.61
C SER A 218 -3.37 -6.20 -5.21
N GLY A 219 -3.79 -7.07 -4.28
CA GLY A 219 -3.25 -7.15 -2.92
C GLY A 219 -4.16 -6.49 -1.89
N TYR A 220 -5.45 -6.37 -2.21
CA TYR A 220 -6.50 -5.83 -1.31
C TYR A 220 -7.65 -6.85 -1.27
N ASP A 221 -8.22 -7.08 -0.09
CA ASP A 221 -9.33 -8.05 0.14
C ASP A 221 -10.68 -7.33 0.09
N LEU A 222 -10.70 -6.01 0.32
CA LEU A 222 -11.90 -5.15 0.11
C LEU A 222 -11.58 -4.08 -0.93
N TYR A 223 -12.42 -3.97 -1.96
CA TYR A 223 -12.43 -2.86 -2.96
C TYR A 223 -13.75 -2.10 -2.84
N ILE A 224 -13.71 -0.77 -2.96
CA ILE A 224 -14.91 0.11 -3.01
C ILE A 224 -14.86 0.94 -4.29
N LEU A 225 -15.99 1.02 -5.01
CA LEU A 225 -16.19 1.88 -6.21
C LEU A 225 -17.50 2.65 -6.02
N LYS A 226 -17.44 3.78 -5.31
CA LYS A 226 -18.63 4.61 -4.94
C LYS A 226 -18.80 5.75 -5.95
N ASN A 227 -20.01 5.92 -6.48
CA ASN A 227 -20.42 7.06 -7.34
C ASN A 227 -19.39 7.27 -8.45
N VAL A 228 -18.99 6.21 -9.17
CA VAL A 228 -18.04 6.29 -10.32
C VAL A 228 -18.78 5.90 -11.60
N LEU A 229 -19.46 4.76 -11.61
CA LEU A 229 -19.98 4.10 -12.84
C LEU A 229 -20.98 5.00 -13.58
N HIS A 230 -21.66 5.93 -12.91
CA HIS A 230 -22.66 6.82 -13.56
C HIS A 230 -21.95 7.91 -14.38
N ASN A 231 -20.63 8.05 -14.28
CA ASN A 231 -19.81 9.00 -15.06
C ASN A 231 -19.29 8.36 -16.36
N TRP A 232 -19.73 7.15 -16.70
CA TRP A 232 -19.14 6.33 -17.80
C TRP A 232 -20.22 5.60 -18.59
N SER A 233 -19.88 5.24 -19.83
CA SER A 233 -20.70 4.41 -20.75
C SER A 233 -20.75 2.97 -20.23
N ASP A 234 -21.67 2.17 -20.76
CA ASP A 234 -21.83 0.73 -20.42
C ASP A 234 -20.53 -0.02 -20.75
N SER A 235 -19.93 0.26 -21.91
CA SER A 235 -18.69 -0.39 -22.40
C SER A 235 -17.53 -0.10 -21.44
N ASP A 236 -17.32 1.19 -21.10
CA ASP A 236 -16.23 1.65 -20.20
C ASP A 236 -16.52 1.19 -18.76
N SER A 237 -17.79 1.01 -18.40
CA SER A 237 -18.23 0.47 -17.08
C SER A 237 -17.78 -0.99 -16.96
N ILE A 238 -17.98 -1.78 -18.01
CA ILE A 238 -17.55 -3.21 -18.08
C ILE A 238 -16.01 -3.27 -18.01
N LEU A 239 -15.31 -2.34 -18.68
CA LEU A 239 -13.83 -2.25 -18.68
C LEU A 239 -13.31 -2.08 -17.25
N ILE A 240 -13.93 -1.19 -16.47
CA ILE A 240 -13.55 -0.89 -15.06
C ILE A 240 -13.82 -2.13 -14.20
N LEU A 241 -14.99 -2.76 -14.36
CA LEU A 241 -15.42 -3.96 -13.59
C LEU A 241 -14.58 -5.18 -14.00
N GLU A 242 -14.13 -5.24 -15.25
CA GLU A 242 -13.19 -6.28 -15.75
C GLU A 242 -11.83 -6.10 -15.07
N ASN A 243 -11.34 -4.85 -15.00
CA ASN A 243 -10.05 -4.48 -14.37
C ASN A 243 -10.08 -4.85 -12.88
N PHE A 244 -11.27 -4.84 -12.26
CA PHE A 244 -11.49 -5.32 -10.87
C PHE A 244 -11.26 -6.84 -10.82
N ARG A 245 -11.97 -7.61 -11.66
CA ARG A 245 -11.88 -9.09 -11.70
C ARG A 245 -10.41 -9.53 -11.85
N LYS A 246 -9.64 -8.87 -12.73
CA LYS A 246 -8.21 -9.18 -13.02
C LYS A 246 -7.34 -8.99 -11.76
N ALA A 247 -7.75 -8.09 -10.85
CA ALA A 247 -6.96 -7.68 -9.65
C ALA A 247 -7.38 -8.47 -8.41
N MET A 248 -8.50 -9.20 -8.47
CA MET A 248 -9.15 -9.84 -7.29
C MET A 248 -8.92 -11.35 -7.29
N ASP A 249 -8.70 -11.93 -6.10
CA ASP A 249 -8.71 -13.41 -5.86
C ASP A 249 -10.08 -13.77 -5.25
N LYS A 250 -10.32 -15.08 -5.05
CA LYS A 250 -11.64 -15.64 -4.66
C LYS A 250 -12.04 -15.17 -3.25
N ASN A 251 -11.07 -14.76 -2.42
CA ASN A 251 -11.32 -14.22 -1.05
C ASN A 251 -11.82 -12.78 -1.17
N SER A 252 -11.24 -12.00 -2.10
CA SER A 252 -11.43 -10.53 -2.27
C SER A 252 -12.90 -10.19 -2.57
N SER A 253 -13.35 -9.02 -2.14
CA SER A 253 -14.73 -8.49 -2.34
C SER A 253 -14.69 -7.05 -2.88
N LEU A 254 -15.69 -6.68 -3.69
CA LEU A 254 -15.87 -5.31 -4.27
C LEU A 254 -17.21 -4.75 -3.81
N LEU A 255 -17.21 -3.57 -3.18
CA LEU A 255 -18.43 -2.82 -2.79
C LEU A 255 -18.73 -1.77 -3.87
N LEU A 256 -19.66 -2.08 -4.77
CA LEU A 256 -20.20 -1.12 -5.78
C LEU A 256 -21.33 -0.32 -5.12
N ILE A 257 -21.00 0.87 -4.61
CA ILE A 257 -21.97 1.86 -4.04
C ILE A 257 -22.26 2.89 -5.13
N ASN A 258 -23.53 3.19 -5.40
CA ASN A 258 -23.92 4.17 -6.45
C ASN A 258 -25.40 4.54 -6.32
N MET A 259 -25.74 5.76 -6.72
CA MET A 259 -27.13 6.24 -6.87
C MET A 259 -27.83 5.36 -7.93
N VAL A 260 -29.11 5.05 -7.73
CA VAL A 260 -29.86 4.03 -8.54
C VAL A 260 -31.15 4.65 -9.09
N LYS A 261 -31.57 4.19 -10.28
CA LYS A 261 -32.80 4.61 -11.00
C LYS A 261 -34.02 3.98 -10.32
N GLU A 262 -34.61 4.68 -9.35
CA GLU A 262 -35.94 4.37 -8.76
C GLU A 262 -37.01 5.11 -9.55
N PRO A 263 -38.03 4.42 -10.10
CA PRO A 263 -39.03 5.08 -10.95
C PRO A 263 -39.76 6.27 -10.34
N GLU A 264 -39.88 6.32 -9.00
CA GLU A 264 -40.67 7.35 -8.27
C GLU A 264 -39.87 8.63 -8.06
N PHE A 265 -38.57 8.63 -8.37
CA PHE A 265 -37.66 9.81 -8.22
C PHE A 265 -37.43 10.47 -9.58
N SER A 266 -36.98 11.73 -9.55
CA SER A 266 -36.84 12.62 -10.75
C SER A 266 -35.68 12.15 -11.64
N ARG A 267 -35.80 12.38 -12.95
CA ARG A 267 -34.81 11.99 -13.99
C ARG A 267 -33.81 13.13 -14.25
N SER A 268 -33.91 14.24 -13.52
CA SER A 268 -33.10 15.47 -13.74
C SER A 268 -31.60 15.13 -13.61
N PHE A 269 -31.25 14.29 -12.64
CA PHE A 269 -29.85 13.83 -12.39
C PHE A 269 -29.35 13.02 -13.58
N ASP A 270 -30.19 12.15 -14.14
CA ASP A 270 -29.85 11.29 -15.30
C ASP A 270 -29.42 12.18 -16.47
N ILE A 271 -30.11 13.30 -16.67
CA ILE A 271 -29.86 14.26 -17.79
C ILE A 271 -28.55 15.01 -17.54
N LEU A 272 -28.29 15.42 -16.29
CA LEU A 272 -27.03 16.13 -15.91
C LEU A 272 -25.83 15.24 -16.22
N MET A 273 -25.91 13.95 -15.87
CA MET A 273 -24.85 12.93 -16.12
C MET A 273 -24.58 12.84 -17.62
N ASP A 274 -25.63 12.90 -18.45
CA ASP A 274 -25.52 12.91 -19.93
C ASP A 274 -24.74 14.17 -20.38
N VAL A 275 -25.04 15.32 -19.76
CA VAL A 275 -24.48 16.65 -20.14
C VAL A 275 -23.00 16.69 -19.74
N LEU A 276 -22.69 16.31 -18.51
CA LEU A 276 -21.32 16.45 -17.91
C LEU A 276 -20.37 15.37 -18.45
N PHE A 277 -20.83 14.12 -18.59
CA PHE A 277 -19.95 12.91 -18.71
C PHE A 277 -20.33 12.00 -19.87
N LEU A 278 -21.47 12.21 -20.53
CA LEU A 278 -22.16 11.18 -21.35
C LEU A 278 -22.40 9.95 -20.47
N GLY A 279 -22.67 10.17 -19.18
CA GLY A 279 -23.00 9.13 -18.20
C GLY A 279 -24.50 8.88 -18.15
N LYS A 280 -24.96 8.12 -17.15
CA LYS A 280 -26.39 7.82 -16.94
C LYS A 280 -26.59 7.12 -15.58
N GLU A 281 -27.78 7.28 -15.00
CA GLU A 281 -28.22 6.46 -13.83
C GLU A 281 -28.69 5.10 -14.36
N ARG A 282 -28.56 4.06 -13.54
CA ARG A 282 -28.91 2.66 -13.87
C ARG A 282 -29.67 2.04 -12.71
N SER A 283 -30.60 1.12 -13.01
CA SER A 283 -31.31 0.27 -12.02
C SER A 283 -30.34 -0.81 -11.51
N PHE A 284 -30.63 -1.38 -10.33
CA PHE A 284 -29.85 -2.50 -9.75
C PHE A 284 -29.67 -3.60 -10.81
N THR A 285 -30.74 -3.94 -11.52
CA THR A 285 -30.80 -5.03 -12.53
C THR A 285 -29.84 -4.72 -13.69
N GLU A 286 -29.64 -3.44 -14.01
CA GLU A 286 -28.71 -2.97 -15.07
C GLU A 286 -27.26 -3.06 -14.57
N PHE A 287 -27.01 -2.64 -13.33
CA PHE A 287 -25.66 -2.69 -12.68
C PHE A 287 -25.17 -4.14 -12.62
N GLU A 288 -26.08 -5.08 -12.39
CA GLU A 288 -25.78 -6.54 -12.29
C GLU A 288 -25.33 -7.07 -13.65
N TYR A 289 -26.02 -6.67 -14.72
CA TYR A 289 -25.73 -7.10 -16.11
C TYR A 289 -24.29 -6.72 -16.49
N LEU A 290 -23.87 -5.50 -16.13
CA LEU A 290 -22.50 -4.97 -16.37
C LEU A 290 -21.48 -5.83 -15.59
N ALA A 291 -21.82 -6.18 -14.35
CA ALA A 291 -20.98 -6.99 -13.44
C ALA A 291 -20.85 -8.42 -13.98
N ASN A 292 -21.99 -9.04 -14.34
CA ASN A 292 -22.07 -10.43 -14.87
C ASN A 292 -21.23 -10.52 -16.16
N GLN A 293 -21.31 -9.52 -17.04
CA GLN A 293 -20.56 -9.43 -18.32
C GLN A 293 -19.07 -9.31 -18.04
N ALA A 294 -18.69 -8.65 -16.93
CA ALA A 294 -17.28 -8.43 -16.51
C ALA A 294 -16.74 -9.67 -15.79
N GLY A 295 -17.62 -10.63 -15.45
CA GLY A 295 -17.26 -11.90 -14.79
C GLY A 295 -17.26 -11.78 -13.29
N LEU A 296 -18.14 -10.94 -12.73
CA LEU A 296 -18.36 -10.78 -11.27
C LEU A 296 -19.77 -11.23 -10.92
N VAL A 297 -19.98 -11.73 -9.69
CA VAL A 297 -21.29 -12.25 -9.20
C VAL A 297 -21.69 -11.44 -7.96
N VAL A 298 -23.00 -11.27 -7.78
CA VAL A 298 -23.63 -10.53 -6.64
C VAL A 298 -23.82 -11.50 -5.47
N GLN A 299 -23.19 -11.21 -4.32
CA GLN A 299 -23.28 -12.01 -3.07
C GLN A 299 -24.43 -11.45 -2.21
N GLU A 300 -24.49 -10.12 -2.06
CA GLU A 300 -25.41 -9.41 -1.14
C GLU A 300 -25.82 -8.08 -1.77
N THR A 301 -27.12 -7.75 -1.76
CA THR A 301 -27.69 -6.49 -2.31
C THR A 301 -28.47 -5.76 -1.20
N LYS A 302 -28.10 -4.49 -0.93
CA LYS A 302 -28.78 -3.60 0.03
C LYS A 302 -29.10 -2.27 -0.67
N VAL A 303 -30.31 -1.76 -0.48
CA VAL A 303 -30.72 -0.40 -0.95
C VAL A 303 -30.61 0.55 0.24
N ILE A 304 -29.82 1.62 0.10
CA ILE A 304 -29.63 2.69 1.13
C ILE A 304 -30.43 3.91 0.70
N ASP A 305 -31.21 4.48 1.61
CA ASP A 305 -31.99 5.73 1.38
C ASP A 305 -31.21 6.91 1.97
N GLN A 306 -30.89 7.90 1.12
CA GLN A 306 -30.20 9.16 1.51
C GLN A 306 -31.12 10.35 1.22
N SER A 307 -30.81 11.51 1.83
CA SER A 307 -31.60 12.76 1.71
C SER A 307 -31.98 13.02 0.24
N TYR A 308 -31.00 13.05 -0.66
CA TYR A 308 -31.11 13.55 -2.05
C TYR A 308 -31.47 12.43 -3.02
N SER A 309 -31.03 11.19 -2.77
CA SER A 309 -31.21 10.06 -3.72
C SER A 309 -31.18 8.72 -2.98
N PRO A 310 -31.88 7.69 -3.49
CA PRO A 310 -31.65 6.30 -3.09
C PRO A 310 -30.33 5.75 -3.65
N TYR A 311 -29.62 4.95 -2.86
CA TYR A 311 -28.32 4.31 -3.22
C TYR A 311 -28.52 2.80 -3.39
N SER A 312 -27.63 2.17 -4.15
CA SER A 312 -27.56 0.70 -4.38
C SER A 312 -26.21 0.18 -3.84
N PHE A 313 -26.25 -0.52 -2.70
CA PHE A 313 -25.10 -1.26 -2.11
C PHE A 313 -25.09 -2.67 -2.71
N ILE A 314 -24.07 -2.99 -3.52
CA ILE A 314 -23.92 -4.31 -4.21
C ILE A 314 -22.56 -4.91 -3.84
N LYS A 315 -22.58 -6.05 -3.14
CA LYS A 315 -21.39 -6.86 -2.81
C LYS A 315 -21.09 -7.77 -4.01
N LEU A 316 -19.92 -7.59 -4.65
CA LEU A 316 -19.47 -8.37 -5.83
C LEU A 316 -18.26 -9.23 -5.46
N GLN A 317 -18.17 -10.42 -6.06
CA GLN A 317 -17.01 -11.36 -5.96
C GLN A 317 -16.80 -12.01 -7.33
N ILE A 318 -15.59 -12.52 -7.58
CA ILE A 318 -15.22 -13.14 -8.90
C ILE A 318 -16.02 -14.43 -9.06
N LYS A 319 -16.38 -14.76 -10.31
CA LYS A 319 -17.27 -15.88 -10.68
C LYS A 319 -16.53 -17.21 -10.51
N SER B 1 48.48 -34.53 11.80
CA SER B 1 48.36 -34.54 10.31
C SER B 1 47.51 -33.35 9.83
N MET B 2 47.53 -33.08 8.53
CA MET B 2 46.67 -32.04 7.88
C MET B 2 45.24 -32.58 7.76
N LEU B 3 45.10 -33.89 7.52
CA LEU B 3 43.79 -34.57 7.35
C LEU B 3 43.07 -34.66 8.70
N THR B 4 43.73 -35.17 9.75
CA THR B 4 43.13 -35.36 11.10
C THR B 4 42.47 -34.05 11.56
N GLU B 5 43.09 -32.90 11.28
CA GLU B 5 42.58 -31.55 11.65
C GLU B 5 41.39 -31.19 10.75
N LEU B 6 41.44 -31.54 9.46
CA LEU B 6 40.34 -31.29 8.48
C LEU B 6 39.08 -32.03 8.93
N ILE B 7 39.23 -33.30 9.35
CA ILE B 7 38.12 -34.14 9.89
C ILE B 7 37.57 -33.49 11.17
N ALA B 8 38.44 -32.89 11.98
CA ALA B 8 38.12 -32.25 13.28
C ALA B 8 37.93 -30.74 13.12
N SER B 9 37.43 -30.28 11.97
CA SER B 9 37.19 -28.85 11.66
C SER B 9 36.11 -28.29 12.60
N ASN B 10 35.08 -29.08 12.90
CA ASN B 10 33.93 -28.70 13.76
C ASN B 10 34.41 -28.28 15.16
N ARG B 11 35.56 -28.79 15.61
CA ARG B 11 36.17 -28.43 16.92
C ARG B 11 36.43 -26.91 16.95
N ARG B 12 36.82 -26.33 15.81
CA ARG B 12 37.09 -24.87 15.67
C ARG B 12 35.77 -24.09 15.80
N SER B 13 34.74 -24.48 15.04
CA SER B 13 33.37 -23.92 15.10
C SER B 13 32.84 -23.98 16.54
N ALA B 14 33.04 -25.13 17.22
CA ALA B 14 32.57 -25.40 18.59
C ALA B 14 33.32 -24.50 19.59
N ALA B 15 34.63 -24.31 19.39
CA ALA B 15 35.50 -23.48 20.26
C ALA B 15 35.09 -22.01 20.14
N ILE B 16 34.74 -21.56 18.93
CA ILE B 16 34.23 -20.17 18.68
C ILE B 16 32.93 -20.00 19.48
N HIS B 17 31.96 -20.90 19.28
CA HIS B 17 30.62 -20.86 19.92
C HIS B 17 30.74 -20.69 21.43
N ALA B 18 31.48 -21.58 22.09
CA ALA B 18 31.69 -21.59 23.55
C ALA B 18 32.20 -20.22 24.01
N PHE B 19 33.09 -19.60 23.22
CA PHE B 19 33.73 -18.30 23.54
C PHE B 19 32.73 -17.15 23.34
N VAL B 20 31.95 -17.18 22.26
CA VAL B 20 31.01 -16.08 21.86
C VAL B 20 29.68 -16.26 22.61
N ASP B 21 29.03 -17.42 22.47
CA ASP B 21 27.65 -17.68 22.94
C ASP B 21 27.54 -17.46 24.45
N THR B 22 28.57 -17.79 25.23
CA THR B 22 28.62 -17.59 26.70
C THR B 22 28.67 -16.08 27.03
N GLY B 23 29.12 -15.26 26.08
CA GLY B 23 29.32 -13.81 26.26
C GLY B 23 30.66 -13.51 26.90
N LEU B 24 31.58 -14.48 26.90
CA LEU B 24 32.97 -14.33 27.42
C LEU B 24 33.75 -13.36 26.51
N SER B 25 33.47 -13.40 25.21
CA SER B 25 34.15 -12.60 24.16
C SER B 25 33.81 -11.10 24.32
N THR B 26 32.72 -10.77 25.01
CA THR B 26 32.25 -9.36 25.21
C THR B 26 33.18 -8.61 26.19
N HIS B 27 34.04 -9.33 26.92
CA HIS B 27 35.06 -8.75 27.84
C HIS B 27 36.29 -8.26 27.06
N PHE B 28 36.36 -8.56 25.75
CA PHE B 28 37.51 -8.23 24.86
C PHE B 28 37.16 -7.04 23.94
N LYS B 29 36.45 -6.05 24.48
CA LYS B 29 36.00 -4.84 23.72
C LYS B 29 37.17 -3.87 23.55
N ASP B 30 37.17 -3.13 22.43
CA ASP B 30 38.16 -2.07 22.10
C ASP B 30 39.54 -2.68 21.90
N GLY B 31 39.61 -3.97 21.54
CA GLY B 31 40.86 -4.73 21.29
C GLY B 31 41.84 -4.63 22.45
N ILE B 32 41.34 -4.57 23.69
CA ILE B 32 42.16 -4.48 24.93
C ILE B 32 42.76 -5.86 25.23
N TYR B 33 43.83 -5.89 26.03
CA TYR B 33 44.49 -7.13 26.52
C TYR B 33 43.81 -7.59 27.82
N VAL B 34 42.93 -8.59 27.70
CA VAL B 34 42.15 -9.18 28.83
C VAL B 34 43.08 -10.02 29.70
N ASP B 35 43.01 -9.84 31.02
CA ASP B 35 43.72 -10.68 32.03
C ASP B 35 42.79 -11.84 32.43
N ILE B 36 43.16 -13.07 32.06
CA ILE B 36 42.31 -14.29 32.23
C ILE B 36 42.17 -14.59 33.73
N SER B 37 43.24 -14.38 34.50
CA SER B 37 43.29 -14.60 35.97
C SER B 37 42.31 -13.66 36.66
N GLU B 38 42.26 -12.39 36.24
CA GLU B 38 41.36 -11.35 36.81
C GLU B 38 39.93 -11.60 36.29
N LEU B 39 39.79 -12.03 35.03
CA LEU B 39 38.48 -12.40 34.42
C LEU B 39 37.89 -13.61 35.15
N SER B 40 38.73 -14.60 35.46
CA SER B 40 38.35 -15.85 36.17
C SER B 40 37.62 -15.51 37.48
N ARG B 41 38.21 -14.63 38.29
CA ARG B 41 37.70 -14.25 39.65
C ARG B 41 36.42 -13.41 39.50
N LYS B 42 36.42 -12.46 38.57
CA LYS B 42 35.28 -11.53 38.31
C LYS B 42 34.12 -12.30 37.66
N SER B 43 34.35 -12.86 36.47
CA SER B 43 33.31 -13.51 35.63
C SER B 43 32.90 -14.87 36.20
N GLY B 44 33.80 -15.54 36.93
CA GLY B 44 33.53 -16.83 37.59
C GLY B 44 33.75 -18.02 36.67
N VAL B 45 34.49 -17.84 35.57
CA VAL B 45 34.93 -18.93 34.66
C VAL B 45 36.19 -19.57 35.28
N ASN B 46 36.39 -20.87 35.06
CA ASN B 46 37.54 -21.64 35.62
C ASN B 46 38.83 -21.19 34.91
N TYR B 47 39.81 -20.72 35.68
CA TYR B 47 41.06 -20.10 35.17
C TYR B 47 41.81 -21.08 34.26
N ALA B 48 42.17 -22.26 34.81
CA ALA B 48 43.01 -23.28 34.16
C ALA B 48 42.37 -23.76 32.85
N ARG B 49 41.08 -24.08 32.88
CA ARG B 49 40.34 -24.70 31.74
C ARG B 49 40.08 -23.69 30.63
N PHE B 50 39.75 -22.43 30.98
CA PHE B 50 39.48 -21.35 30.01
C PHE B 50 40.79 -20.87 29.38
N SER B 51 41.89 -20.90 30.15
CA SER B 51 43.26 -20.57 29.68
C SER B 51 43.63 -21.49 28.51
N ARG B 52 43.22 -22.77 28.56
CA ARG B 52 43.50 -23.79 27.53
C ARG B 52 42.72 -23.49 26.26
N LEU B 53 41.47 -23.00 26.39
CA LEU B 53 40.60 -22.60 25.24
C LEU B 53 41.22 -21.40 24.53
N CYS B 54 41.79 -20.45 25.29
CA CYS B 54 42.45 -19.22 24.78
C CYS B 54 43.66 -19.60 23.90
N ASP B 55 44.37 -20.67 24.24
CA ASP B 55 45.55 -21.18 23.48
C ASP B 55 45.09 -21.71 22.12
N PHE B 56 43.96 -22.42 22.08
CA PHE B 56 43.35 -22.96 20.84
C PHE B 56 42.81 -21.80 19.99
N LEU B 57 42.28 -20.75 20.64
CA LEU B 57 41.77 -19.53 19.96
C LEU B 57 42.94 -18.77 19.31
N VAL B 58 44.08 -18.68 20.01
CA VAL B 58 45.35 -18.08 19.48
C VAL B 58 45.77 -18.86 18.23
N GLU B 59 45.77 -20.20 18.32
CA GLU B 59 46.16 -21.13 17.22
C GLU B 59 45.29 -20.86 15.99
N MET B 60 43.99 -20.65 16.18
CA MET B 60 42.99 -20.46 15.08
C MET B 60 43.13 -19.07 14.45
N GLY B 61 43.80 -18.13 15.13
CA GLY B 61 43.99 -16.75 14.67
C GLY B 61 42.81 -15.87 15.03
N VAL B 62 42.21 -16.12 16.20
CA VAL B 62 41.08 -15.33 16.77
C VAL B 62 41.63 -14.45 17.89
N LEU B 63 42.36 -15.05 18.83
CA LEU B 63 43.04 -14.36 19.96
C LEU B 63 44.52 -14.14 19.63
N VAL B 64 45.16 -13.22 20.33
CA VAL B 64 46.62 -12.91 20.24
C VAL B 64 47.13 -12.73 21.68
N SER B 65 48.25 -13.36 22.03
CA SER B 65 48.78 -13.44 23.42
C SER B 65 50.15 -12.75 23.53
N ASN B 66 50.28 -11.84 24.49
CA ASN B 66 51.56 -11.18 24.88
C ASN B 66 51.57 -11.00 26.41
N ASP B 67 52.65 -11.44 27.07
CA ASP B 67 52.91 -11.28 28.53
C ASP B 67 51.83 -12.03 29.33
N ASN B 68 51.41 -13.20 28.84
CA ASN B 68 50.43 -14.09 29.50
C ASN B 68 49.07 -13.39 29.61
N LYS B 69 48.72 -12.57 28.61
CA LYS B 69 47.40 -11.89 28.48
C LYS B 69 46.89 -12.12 27.05
N PHE B 70 45.62 -11.78 26.78
CA PHE B 70 44.91 -12.13 25.53
C PHE B 70 44.06 -10.96 25.02
N ARG B 71 44.08 -10.72 23.70
CA ARG B 71 43.23 -9.73 23.00
C ARG B 71 42.65 -10.37 21.74
N LEU B 72 41.48 -9.90 21.29
CA LEU B 72 40.85 -10.32 20.01
C LEU B 72 41.70 -9.81 18.84
N SER B 73 41.77 -10.58 17.75
CA SER B 73 42.42 -10.21 16.47
C SER B 73 41.69 -9.01 15.88
N ASP B 74 42.37 -8.24 15.01
CA ASP B 74 41.80 -7.06 14.30
C ASP B 74 40.58 -7.52 13.49
N GLU B 75 40.68 -8.68 12.82
CA GLU B 75 39.60 -9.26 11.98
C GLU B 75 38.45 -9.74 12.89
N CYS B 76 38.77 -10.19 14.11
CA CYS B 76 37.82 -10.82 15.07
C CYS B 76 37.45 -9.85 16.21
N HIS B 77 37.46 -8.53 15.97
CA HIS B 77 36.98 -7.51 16.94
C HIS B 77 35.45 -7.60 17.03
N VAL B 78 34.80 -8.02 15.94
CA VAL B 78 33.32 -8.20 15.80
C VAL B 78 32.76 -9.09 16.92
N PHE B 79 33.54 -10.07 17.41
CA PHE B 79 33.11 -11.05 18.46
C PHE B 79 32.92 -10.36 19.81
N ALA B 80 33.47 -9.15 20.00
CA ALA B 80 33.29 -8.31 21.20
C ALA B 80 31.84 -7.81 21.27
N ASN B 81 31.31 -7.33 20.14
CA ASN B 81 29.90 -6.85 20.00
C ASN B 81 28.99 -8.07 19.86
N PRO B 82 28.12 -8.37 20.84
CA PRO B 82 27.21 -9.52 20.74
C PRO B 82 26.01 -9.26 19.80
N GLU B 83 25.93 -8.05 19.23
CA GLU B 83 24.84 -7.62 18.31
C GLU B 83 25.33 -7.65 16.86
N SER B 84 26.60 -8.01 16.63
CA SER B 84 27.26 -8.03 15.30
C SER B 84 26.76 -9.22 14.48
N PHE B 85 26.92 -9.16 13.16
CA PHE B 85 26.46 -10.16 12.16
C PHE B 85 27.08 -11.53 12.48
N GLU B 86 28.33 -11.55 12.96
CA GLU B 86 29.11 -12.79 13.24
C GLU B 86 28.52 -13.55 14.43
N SER B 87 28.12 -12.84 15.49
CA SER B 87 27.56 -13.41 16.75
C SER B 87 26.35 -14.28 16.46
N PHE B 88 25.42 -13.81 15.62
CA PHE B 88 24.16 -14.51 15.25
C PHE B 88 24.48 -15.73 14.38
N MET B 89 25.47 -15.60 13.49
CA MET B 89 25.87 -16.68 12.53
C MET B 89 26.30 -17.92 13.32
N ILE B 90 27.24 -17.77 14.26
CA ILE B 90 27.84 -18.90 15.03
C ILE B 90 26.80 -19.47 16.00
N LYS B 91 25.94 -18.62 16.58
CA LYS B 91 24.83 -19.08 17.48
C LYS B 91 23.92 -20.04 16.71
N LEU B 92 23.70 -19.78 15.42
CA LEU B 92 22.76 -20.54 14.56
C LEU B 92 23.51 -21.66 13.81
N GLU B 93 24.81 -21.51 13.60
CA GLU B 93 25.65 -22.42 12.76
C GLU B 93 25.76 -23.80 13.41
N ILE B 94 26.19 -23.87 14.67
CA ILE B 94 26.55 -25.13 15.37
C ILE B 94 25.42 -25.54 16.35
N CYS B 95 24.26 -24.89 16.26
CA CYS B 95 23.06 -25.17 17.10
C CYS B 95 22.53 -26.58 16.82
N SER B 96 21.78 -27.14 17.77
CA SER B 96 21.24 -28.53 17.74
C SER B 96 20.52 -28.80 16.42
N HIS B 97 19.63 -27.88 16.00
CA HIS B 97 18.74 -28.03 14.82
C HIS B 97 19.58 -28.10 13.52
N TYR B 98 20.62 -27.27 13.41
CA TYR B 98 21.55 -27.25 12.25
C TYR B 98 22.37 -28.55 12.23
N SER B 99 22.92 -28.94 13.38
CA SER B 99 23.69 -30.21 13.56
C SER B 99 22.84 -31.40 13.13
N ASN B 100 21.63 -31.53 13.70
CA ASN B 100 20.67 -32.62 13.39
C ASN B 100 20.36 -32.62 11.90
N ALA B 101 20.16 -31.43 11.31
CA ALA B 101 19.94 -31.23 9.86
C ALA B 101 21.17 -31.72 9.09
N TRP B 102 22.36 -31.26 9.49
CA TRP B 102 23.66 -31.68 8.89
C TRP B 102 23.81 -33.21 8.94
N LEU B 103 23.34 -33.83 10.03
CA LEU B 103 23.47 -35.30 10.26
C LEU B 103 22.58 -36.08 9.27
N MET B 104 21.58 -35.44 8.66
CA MET B 104 20.68 -36.07 7.65
C MET B 104 21.16 -35.77 6.22
N TYR B 105 22.19 -34.94 6.05
CA TYR B 105 22.68 -34.47 4.73
C TYR B 105 23.05 -35.67 3.84
N GLY B 106 23.83 -36.60 4.38
CA GLY B 106 24.25 -37.85 3.71
C GLY B 106 23.05 -38.61 3.17
N LYS B 107 22.01 -38.78 3.97
CA LYS B 107 20.79 -39.57 3.62
C LYS B 107 19.92 -38.77 2.65
N SER B 108 19.87 -37.44 2.80
CA SER B 108 19.04 -36.52 1.98
C SER B 108 19.43 -36.61 0.49
N LEU B 109 20.71 -36.92 0.20
CA LEU B 109 21.27 -37.01 -1.17
C LEU B 109 20.62 -38.16 -1.96
N PHE B 110 20.10 -39.19 -1.28
CA PHE B 110 19.61 -40.45 -1.91
C PHE B 110 18.10 -40.38 -2.18
N GLU B 111 17.39 -39.41 -1.60
CA GLU B 111 15.92 -39.24 -1.78
C GLU B 111 15.65 -38.39 -3.02
N ASP B 112 14.97 -38.98 -4.02
CA ASP B 112 14.52 -38.29 -5.27
C ASP B 112 13.41 -37.29 -4.90
N ASP B 113 12.57 -37.66 -3.94
CA ASP B 113 11.51 -36.79 -3.35
C ASP B 113 12.13 -35.46 -2.92
N GLY B 114 11.36 -34.37 -3.03
CA GLY B 114 11.79 -32.99 -2.68
C GLY B 114 11.67 -32.72 -1.20
N LYS B 115 12.20 -33.61 -0.35
CA LYS B 115 12.29 -33.43 1.12
C LYS B 115 13.73 -33.04 1.47
N SER B 116 13.90 -31.93 2.21
CA SER B 116 15.22 -31.36 2.60
C SER B 116 15.86 -32.21 3.70
N ALA B 117 17.14 -31.95 4.01
CA ALA B 117 17.89 -32.60 5.12
C ALA B 117 17.36 -32.07 6.45
N PHE B 118 17.07 -30.77 6.52
CA PHE B 118 16.42 -30.09 7.68
C PHE B 118 15.01 -30.66 7.87
N GLU B 119 14.30 -30.88 6.76
CA GLU B 119 12.94 -31.49 6.70
C GLU B 119 12.97 -32.85 7.40
N MET B 120 13.90 -33.73 7.00
CA MET B 120 13.99 -35.14 7.47
C MET B 120 14.26 -35.18 8.97
N ALA B 121 15.09 -34.27 9.47
CA ALA B 121 15.52 -34.20 10.89
C ALA B 121 14.36 -33.73 11.78
N HIS B 122 13.43 -32.92 11.25
CA HIS B 122 12.42 -32.16 12.05
C HIS B 122 10.98 -32.37 11.56
N GLY B 123 10.76 -32.89 10.35
CA GLY B 123 9.42 -33.26 9.84
C GLY B 123 8.85 -32.25 8.85
N ARG B 124 8.89 -30.95 9.18
CA ARG B 124 8.28 -29.86 8.36
C ARG B 124 9.38 -28.97 7.78
N PRO B 125 9.18 -28.41 6.56
CA PRO B 125 10.19 -27.56 5.90
C PRO B 125 10.69 -26.38 6.75
N PHE B 126 11.84 -25.81 6.38
CA PHE B 126 12.60 -24.82 7.19
C PHE B 126 11.67 -23.72 7.73
N PHE B 127 11.14 -22.86 6.85
CA PHE B 127 10.36 -21.65 7.22
C PHE B 127 9.10 -22.06 7.97
N GLU B 128 8.43 -23.13 7.53
CA GLU B 128 7.25 -23.72 8.20
C GLU B 128 7.61 -24.10 9.64
N TYR B 129 8.77 -24.75 9.86
CA TYR B 129 9.26 -25.18 11.19
C TYR B 129 9.57 -23.94 12.05
N LEU B 130 10.12 -22.88 11.44
CA LEU B 130 10.51 -21.63 12.13
C LEU B 130 9.28 -20.94 12.72
N ASP B 131 8.08 -21.21 12.20
CA ASP B 131 6.80 -20.70 12.76
C ASP B 131 6.61 -21.26 14.18
N GLY B 132 6.95 -22.53 14.38
CA GLY B 132 6.90 -23.22 15.69
C GLY B 132 8.06 -22.79 16.59
N ASN B 133 9.30 -22.91 16.09
CA ASN B 133 10.54 -22.68 16.87
C ASN B 133 10.87 -21.18 16.90
N LYS B 134 10.82 -20.57 18.09
CA LYS B 134 11.11 -19.12 18.30
C LYS B 134 12.63 -18.89 18.24
N PHE B 135 13.41 -19.70 18.96
CA PHE B 135 14.90 -19.61 19.00
C PHE B 135 15.47 -19.48 17.58
N LEU B 136 14.98 -20.34 16.67
CA LEU B 136 15.50 -20.50 15.29
C LEU B 136 15.04 -19.31 14.42
N LYS B 137 13.78 -18.89 14.56
CA LYS B 137 13.18 -17.74 13.82
C LYS B 137 13.80 -16.43 14.29
N SER B 138 13.87 -16.22 15.60
CA SER B 138 14.43 -15.01 16.27
C SER B 138 15.81 -14.68 15.69
N ASN B 139 16.73 -15.66 15.71
CA ASN B 139 18.14 -15.50 15.31
C ASN B 139 18.28 -15.44 13.79
N PHE B 140 17.42 -16.16 13.05
CA PHE B 140 17.39 -16.16 11.56
C PHE B 140 17.02 -14.76 11.06
N ASP B 141 15.95 -14.18 11.61
CA ASP B 141 15.45 -12.81 11.26
C ASP B 141 16.52 -11.77 11.65
N ALA B 142 17.20 -11.98 12.78
CA ALA B 142 18.23 -11.06 13.32
C ALA B 142 19.48 -11.09 12.42
N LEU B 143 19.91 -12.28 12.00
CA LEU B 143 21.06 -12.46 11.07
C LEU B 143 20.82 -11.65 9.79
N MET B 144 19.61 -11.77 9.22
CA MET B 144 19.20 -11.12 7.94
C MET B 144 19.13 -9.59 8.13
N THR B 145 18.65 -9.14 9.30
CA THR B 145 18.53 -7.71 9.67
C THR B 145 19.93 -7.06 9.68
N ARG B 146 20.98 -7.83 9.97
CA ARG B 146 22.39 -7.33 10.05
C ARG B 146 23.01 -7.28 8.64
N VAL B 147 22.85 -8.33 7.83
CA VAL B 147 23.39 -8.40 6.43
C VAL B 147 22.60 -7.42 5.54
N SER B 148 21.36 -7.11 5.91
CA SER B 148 20.53 -6.04 5.29
C SER B 148 21.13 -4.68 5.66
N ASN B 149 21.23 -4.41 6.96
CA ASN B 149 21.84 -3.17 7.53
C ASN B 149 23.16 -2.87 6.82
N LEU B 150 24.05 -3.86 6.71
CA LEU B 150 25.45 -3.67 6.25
C LEU B 150 25.51 -3.27 4.76
N ILE B 151 24.59 -3.74 3.92
CA ILE B 151 24.63 -3.54 2.44
C ILE B 151 23.82 -2.29 2.04
N VAL B 152 23.02 -1.72 2.94
CA VAL B 152 22.10 -0.58 2.64
C VAL B 152 22.92 0.58 2.05
N GLU B 153 23.96 1.02 2.75
CA GLU B 153 24.78 2.21 2.40
C GLU B 153 25.31 2.09 0.96
N LYS B 154 25.88 0.93 0.60
CA LYS B 154 26.44 0.66 -0.75
C LYS B 154 25.31 0.63 -1.78
N LEU B 155 24.15 0.06 -1.43
CA LEU B 155 22.99 -0.14 -2.33
C LEU B 155 22.42 1.24 -2.75
N LEU B 156 22.37 2.20 -1.82
CA LEU B 156 21.86 3.58 -2.09
C LEU B 156 22.75 4.28 -3.13
N GLY B 157 24.08 4.14 -2.99
CA GLY B 157 25.08 4.75 -3.89
C GLY B 157 25.08 4.13 -5.28
N ILE B 158 24.64 2.87 -5.38
CA ILE B 158 24.68 2.05 -6.63
C ILE B 158 23.51 2.41 -7.54
N TYR B 159 22.31 2.60 -6.97
CA TYR B 159 21.03 2.76 -7.72
C TYR B 159 20.30 4.02 -7.23
N ASP B 160 19.72 4.78 -8.16
CA ASP B 160 18.89 5.99 -7.89
C ASP B 160 17.48 5.53 -7.51
N PHE B 161 17.18 5.48 -6.22
CA PHE B 161 15.84 5.10 -5.66
C PHE B 161 14.88 6.28 -5.75
N ASN B 162 15.42 7.50 -5.78
CA ASN B 162 14.64 8.79 -5.82
C ASN B 162 13.68 8.79 -7.02
N GLN B 163 14.09 8.19 -8.15
CA GLN B 163 13.31 8.19 -9.42
C GLN B 163 11.97 7.45 -9.23
N HIS B 164 11.88 6.57 -8.24
CA HIS B 164 10.67 5.77 -7.90
C HIS B 164 9.82 6.52 -6.85
N ASN B 165 8.52 6.20 -6.77
CA ASN B 165 7.57 6.79 -5.80
C ASN B 165 6.79 5.70 -5.04
N ARG B 166 6.82 4.45 -5.51
CA ARG B 166 6.15 3.28 -4.83
C ARG B 166 7.11 2.08 -4.82
N ILE B 167 7.52 1.65 -3.63
CA ILE B 167 8.55 0.58 -3.42
C ILE B 167 7.96 -0.56 -2.58
N LEU B 168 8.05 -1.80 -3.09
CA LEU B 168 7.72 -3.05 -2.35
C LEU B 168 9.00 -3.89 -2.19
N ASP B 169 9.17 -4.49 -1.01
CA ASP B 169 10.29 -5.42 -0.70
C ASP B 169 9.70 -6.81 -0.43
N VAL B 170 9.76 -7.70 -1.42
CA VAL B 170 9.17 -9.07 -1.37
C VAL B 170 10.14 -9.99 -0.63
N GLY B 171 9.66 -10.69 0.40
CA GLY B 171 10.47 -11.48 1.34
C GLY B 171 11.43 -10.59 2.11
N GLY B 172 10.95 -9.45 2.59
CA GLY B 172 11.76 -8.40 3.23
C GLY B 172 12.05 -8.69 4.70
N GLY B 173 11.41 -9.71 5.26
CA GLY B 173 11.64 -10.18 6.65
C GLY B 173 11.08 -9.19 7.67
N GLU B 174 11.95 -8.63 8.50
CA GLU B 174 11.60 -7.61 9.52
C GLU B 174 11.41 -6.25 8.83
N GLY B 175 11.96 -6.10 7.61
CA GLY B 175 11.81 -4.91 6.76
C GLY B 175 12.85 -3.84 7.07
N GLU B 176 14.01 -4.25 7.59
CA GLU B 176 15.10 -3.31 8.01
C GLU B 176 15.75 -2.68 6.77
N LEU B 177 15.70 -3.35 5.62
CA LEU B 177 16.24 -2.83 4.33
C LEU B 177 15.52 -1.52 4.00
N LEU B 178 14.19 -1.55 3.89
CA LEU B 178 13.36 -0.39 3.45
C LEU B 178 13.33 0.69 4.55
N VAL B 179 13.38 0.28 5.83
CA VAL B 179 13.38 1.23 6.99
C VAL B 179 14.65 2.10 6.92
N ARG B 180 15.77 1.53 6.51
CA ARG B 180 17.08 2.24 6.43
C ARG B 180 17.20 2.97 5.08
N ILE B 181 16.48 2.52 4.04
CA ILE B 181 16.36 3.24 2.73
C ILE B 181 15.46 4.46 2.94
N SER B 182 14.29 4.27 3.57
CA SER B 182 13.25 5.31 3.79
C SER B 182 13.82 6.48 4.61
N GLU B 183 14.84 6.23 5.43
CA GLU B 183 15.54 7.27 6.25
C GLU B 183 16.18 8.31 5.32
N LYS B 184 16.93 7.87 4.30
CA LYS B 184 17.76 8.73 3.43
C LYS B 184 16.94 9.17 2.20
N VAL B 185 16.32 8.22 1.50
CA VAL B 185 15.36 8.47 0.39
C VAL B 185 13.97 8.65 1.01
N LYS B 186 13.52 9.90 1.18
CA LYS B 186 12.35 10.26 2.02
C LYS B 186 11.13 10.57 1.14
N GLY B 187 9.93 10.34 1.70
CA GLY B 187 8.64 10.80 1.14
C GLY B 187 8.13 9.93 0.01
N LYS B 188 8.20 8.60 0.17
CA LYS B 188 7.63 7.60 -0.79
C LYS B 188 6.65 6.70 -0.02
N HIS B 189 5.96 5.79 -0.74
CA HIS B 189 5.20 4.66 -0.14
C HIS B 189 6.13 3.43 -0.06
N TYR B 190 6.36 2.95 1.16
CA TYR B 190 7.21 1.77 1.45
C TYR B 190 6.32 0.63 1.94
N ALA B 191 6.49 -0.57 1.36
CA ALA B 191 5.74 -1.79 1.71
C ALA B 191 6.72 -2.98 1.81
N VAL B 192 6.50 -3.86 2.78
CA VAL B 192 7.28 -5.11 2.98
C VAL B 192 6.31 -6.30 2.97
N LEU B 193 6.47 -7.23 2.03
CA LEU B 193 5.70 -8.50 1.96
C LEU B 193 6.57 -9.63 2.52
N ASP B 194 5.99 -10.45 3.41
CA ASP B 194 6.64 -11.66 3.99
C ASP B 194 5.57 -12.52 4.65
N ARG B 195 5.96 -13.72 5.11
CA ARG B 195 5.09 -14.64 5.90
C ARG B 195 5.05 -14.14 7.34
N TYR B 196 3.88 -13.68 7.79
CA TYR B 196 3.65 -13.09 9.13
C TYR B 196 2.48 -13.80 9.81
N SER B 197 2.71 -14.34 11.02
CA SER B 197 1.64 -14.76 11.97
C SER B 197 1.01 -13.49 12.57
N GLU B 198 1.86 -12.53 12.95
CA GLU B 198 1.46 -11.20 13.50
C GLU B 198 2.27 -10.11 12.77
N LEU B 199 1.58 -9.11 12.20
CA LEU B 199 2.17 -8.08 11.31
C LEU B 199 3.11 -7.16 12.10
N PRO B 200 4.37 -6.98 11.66
CA PRO B 200 5.26 -5.97 12.23
C PRO B 200 4.70 -4.55 12.11
N VAL B 201 5.23 -3.62 12.92
CA VAL B 201 4.76 -2.20 13.00
C VAL B 201 5.97 -1.27 12.96
N SER B 202 6.15 -0.57 11.83
CA SER B 202 7.09 0.58 11.66
C SER B 202 6.30 1.76 11.09
N ASP B 203 6.62 2.98 11.55
CA ASP B 203 5.78 4.20 11.40
C ASP B 203 5.33 4.38 9.95
N ASN B 204 6.26 4.30 8.97
CA ASN B 204 5.99 4.69 7.56
C ASN B 204 6.02 3.48 6.62
N ILE B 205 6.20 2.26 7.14
CA ILE B 205 6.21 1.00 6.33
C ILE B 205 4.81 0.37 6.35
N ASP B 206 4.31 -0.04 5.19
CA ASP B 206 3.11 -0.90 5.03
C ASP B 206 3.55 -2.37 5.06
N PHE B 207 3.06 -3.16 6.02
CA PHE B 207 3.42 -4.59 6.19
C PHE B 207 2.28 -5.47 5.65
N ILE B 208 2.61 -6.32 4.68
CA ILE B 208 1.66 -7.24 3.98
C ILE B 208 2.02 -8.69 4.34
N ASN B 209 1.03 -9.48 4.76
CA ASN B 209 1.16 -10.93 5.01
C ASN B 209 0.73 -11.67 3.73
N GLY B 210 1.69 -12.07 2.90
CA GLY B 210 1.44 -12.70 1.59
C GLY B 210 2.30 -13.93 1.35
N ASN B 211 2.28 -14.44 0.11
CA ASN B 211 3.01 -15.64 -0.34
C ASN B 211 3.50 -15.39 -1.77
N PHE B 212 4.82 -15.28 -1.97
CA PHE B 212 5.44 -14.77 -3.22
C PHE B 212 5.48 -15.85 -4.31
N LEU B 213 5.09 -17.09 -4.02
CA LEU B 213 4.92 -18.16 -5.04
C LEU B 213 3.42 -18.43 -5.26
N ASN B 214 2.55 -17.58 -4.69
CA ASN B 214 1.10 -17.51 -5.00
C ASN B 214 0.86 -16.30 -5.91
N SER B 215 1.31 -15.11 -5.48
CA SER B 215 1.24 -13.85 -6.27
C SER B 215 2.00 -12.71 -5.56
N ILE B 216 2.40 -11.70 -6.32
CA ILE B 216 2.97 -10.40 -5.85
C ILE B 216 1.90 -9.33 -6.09
N PRO B 217 1.69 -8.34 -5.17
CA PRO B 217 0.78 -7.23 -5.44
C PRO B 217 1.32 -6.32 -6.55
N SER B 218 0.44 -5.84 -7.44
CA SER B 218 0.77 -5.31 -8.78
C SER B 218 1.18 -3.84 -8.77
N GLY B 219 0.52 -3.00 -7.96
CA GLY B 219 0.58 -1.52 -8.11
C GLY B 219 1.82 -0.88 -7.49
N TYR B 220 3.02 -1.36 -7.83
CA TYR B 220 4.32 -0.77 -7.43
C TYR B 220 5.21 -0.62 -8.67
N ASP B 221 6.07 0.41 -8.67
CA ASP B 221 7.01 0.72 -9.79
C ASP B 221 8.44 0.27 -9.42
N LEU B 222 8.67 -0.11 -8.16
CA LEU B 222 9.96 -0.73 -7.73
C LEU B 222 9.68 -1.95 -6.85
N TYR B 223 10.24 -3.09 -7.24
CA TYR B 223 10.25 -4.36 -6.45
C TYR B 223 11.69 -4.66 -6.05
N ILE B 224 11.88 -5.20 -4.84
CA ILE B 224 13.20 -5.66 -4.32
C ILE B 224 13.05 -7.09 -3.80
N LEU B 225 13.99 -7.97 -4.17
CA LEU B 225 14.03 -9.40 -3.81
C LEU B 225 15.47 -9.77 -3.46
N LYS B 226 15.87 -9.56 -2.20
CA LYS B 226 17.25 -9.77 -1.70
C LYS B 226 17.33 -11.12 -0.96
N ASN B 227 18.29 -11.96 -1.35
CA ASN B 227 18.72 -13.18 -0.59
C ASN B 227 17.52 -14.06 -0.26
N VAL B 228 16.57 -14.25 -1.19
CA VAL B 228 15.42 -15.21 -1.01
C VAL B 228 15.57 -16.34 -2.03
N LEU B 229 16.11 -16.04 -3.23
CA LEU B 229 16.08 -16.94 -4.41
C LEU B 229 17.02 -18.14 -4.21
N HIS B 230 18.00 -18.05 -3.30
CA HIS B 230 18.97 -19.14 -2.99
C HIS B 230 18.40 -20.09 -1.92
N ASN B 231 17.11 -19.96 -1.58
CA ASN B 231 16.37 -20.88 -0.66
C ASN B 231 15.37 -21.73 -1.46
N TRP B 232 15.41 -21.67 -2.79
CA TRP B 232 14.40 -22.31 -3.67
C TRP B 232 15.07 -22.94 -4.91
N SER B 233 14.42 -23.99 -5.44
CA SER B 233 14.82 -24.69 -6.69
C SER B 233 14.66 -23.74 -7.89
N ASP B 234 15.26 -24.11 -9.02
CA ASP B 234 15.11 -23.39 -10.32
C ASP B 234 13.63 -23.28 -10.66
N SER B 235 12.89 -24.39 -10.51
CA SER B 235 11.44 -24.52 -10.80
C SER B 235 10.65 -23.48 -10.00
N ASP B 236 10.86 -23.44 -8.68
CA ASP B 236 10.18 -22.50 -7.74
C ASP B 236 10.68 -21.07 -7.99
N SER B 237 11.96 -20.90 -8.31
CA SER B 237 12.61 -19.59 -8.58
C SER B 237 11.95 -18.94 -9.81
N ILE B 238 11.69 -19.72 -10.86
CA ILE B 238 10.99 -19.25 -12.10
C ILE B 238 9.57 -18.83 -11.73
N LEU B 239 8.86 -19.63 -10.93
CA LEU B 239 7.46 -19.37 -10.49
C LEU B 239 7.40 -18.01 -9.77
N ILE B 240 8.37 -17.73 -8.91
CA ILE B 240 8.48 -16.44 -8.15
C ILE B 240 8.63 -15.28 -9.15
N LEU B 241 9.57 -15.41 -10.10
CA LEU B 241 9.90 -14.34 -11.09
C LEU B 241 8.76 -14.21 -12.11
N GLU B 242 7.99 -15.27 -12.35
CA GLU B 242 6.78 -15.26 -13.22
C GLU B 242 5.66 -14.46 -12.54
N ASN B 243 5.57 -14.55 -11.21
CA ASN B 243 4.57 -13.81 -10.39
C ASN B 243 4.93 -12.33 -10.34
N PHE B 244 6.22 -12.00 -10.34
CA PHE B 244 6.75 -10.62 -10.49
C PHE B 244 6.32 -10.06 -11.85
N ARG B 245 6.57 -10.82 -12.92
CA ARG B 245 6.25 -10.43 -14.32
C ARG B 245 4.75 -10.11 -14.44
N LYS B 246 3.88 -10.96 -13.88
CA LYS B 246 2.41 -10.76 -13.87
C LYS B 246 2.06 -9.47 -13.14
N ALA B 247 2.74 -9.20 -12.01
CA ALA B 247 2.49 -8.04 -11.12
C ALA B 247 2.99 -6.74 -11.78
N MET B 248 4.06 -6.82 -12.58
CA MET B 248 4.80 -5.64 -13.12
C MET B 248 4.16 -5.17 -14.44
N ASP B 249 4.33 -3.88 -14.75
CA ASP B 249 3.94 -3.24 -16.03
C ASP B 249 5.19 -2.69 -16.71
N LYS B 250 5.02 -1.87 -17.75
CA LYS B 250 6.12 -1.29 -18.57
C LYS B 250 7.10 -0.49 -17.71
N ASN B 251 6.60 0.24 -16.71
CA ASN B 251 7.37 1.25 -15.92
C ASN B 251 8.12 0.56 -14.77
N SER B 252 7.57 -0.54 -14.26
CA SER B 252 8.04 -1.23 -13.01
C SER B 252 9.41 -1.87 -13.24
N SER B 253 10.27 -1.82 -12.22
CA SER B 253 11.62 -2.44 -12.17
C SER B 253 11.72 -3.38 -10.95
N LEU B 254 12.33 -4.55 -11.15
CA LEU B 254 12.61 -5.56 -10.09
C LEU B 254 14.12 -5.63 -9.83
N LEU B 255 14.57 -5.31 -8.61
CA LEU B 255 16.00 -5.39 -8.19
C LEU B 255 16.25 -6.76 -7.56
N LEU B 256 16.73 -7.73 -8.34
CA LEU B 256 17.19 -9.05 -7.83
C LEU B 256 18.58 -8.86 -7.22
N ILE B 257 18.63 -8.69 -5.88
CA ILE B 257 19.88 -8.62 -5.07
C ILE B 257 20.08 -10.00 -4.46
N ASN B 258 21.28 -10.57 -4.55
CA ASN B 258 21.52 -11.97 -4.08
C ASN B 258 23.03 -12.23 -4.02
N MET B 259 23.45 -13.06 -3.06
CA MET B 259 24.82 -13.61 -2.97
C MET B 259 25.05 -14.45 -4.22
N VAL B 260 26.13 -14.18 -4.97
CA VAL B 260 26.42 -14.81 -6.30
C VAL B 260 27.59 -15.78 -6.14
N LYS B 261 27.53 -16.91 -6.86
CA LYS B 261 28.58 -17.96 -6.86
C LYS B 261 29.78 -17.47 -7.70
N GLU B 262 30.92 -17.25 -7.04
CA GLU B 262 32.22 -16.91 -7.69
C GLU B 262 33.14 -18.12 -7.52
N PRO B 263 33.82 -18.59 -8.60
CA PRO B 263 34.79 -19.67 -8.47
C PRO B 263 35.90 -19.39 -7.44
N GLU B 264 36.22 -18.11 -7.22
CA GLU B 264 37.26 -17.64 -6.27
C GLU B 264 36.89 -18.05 -4.84
N PHE B 265 35.62 -17.88 -4.45
CA PHE B 265 35.15 -18.02 -3.04
C PHE B 265 34.63 -19.45 -2.78
N SER B 266 34.58 -19.81 -1.49
CA SER B 266 34.25 -21.17 -0.98
C SER B 266 32.81 -21.56 -1.34
N ARG B 267 32.56 -22.85 -1.54
CA ARG B 267 31.24 -23.43 -1.90
C ARG B 267 30.56 -24.01 -0.65
N SER B 268 31.08 -23.71 0.55
CA SER B 268 30.53 -24.17 1.85
C SER B 268 29.07 -23.72 1.99
N PHE B 269 28.77 -22.47 1.60
CA PHE B 269 27.42 -21.86 1.67
C PHE B 269 26.46 -22.60 0.72
N ASP B 270 26.94 -22.98 -0.48
CA ASP B 270 26.15 -23.71 -1.50
C ASP B 270 25.60 -25.01 -0.90
N ILE B 271 26.39 -25.70 -0.08
CA ILE B 271 26.05 -27.01 0.53
C ILE B 271 25.05 -26.80 1.68
N LEU B 272 25.24 -25.75 2.48
CA LEU B 272 24.31 -25.39 3.60
C LEU B 272 22.90 -25.17 3.04
N MET B 273 22.78 -24.50 1.89
CA MET B 273 21.48 -24.21 1.21
C MET B 273 20.83 -25.52 0.73
N ASP B 274 21.65 -26.49 0.30
CA ASP B 274 21.20 -27.85 -0.10
C ASP B 274 20.56 -28.54 1.12
N VAL B 275 21.16 -28.37 2.29
CA VAL B 275 20.72 -29.01 3.57
C VAL B 275 19.43 -28.33 4.07
N LEU B 276 19.47 -27.01 4.24
CA LEU B 276 18.39 -26.23 4.91
C LEU B 276 17.14 -26.15 4.02
N PHE B 277 17.29 -25.87 2.74
CA PHE B 277 16.18 -25.44 1.83
C PHE B 277 16.05 -26.30 0.57
N LEU B 278 17.08 -27.09 0.22
CA LEU B 278 17.27 -27.65 -1.15
C LEU B 278 17.46 -26.48 -2.14
N GLY B 279 18.02 -25.37 -1.66
CA GLY B 279 18.42 -24.21 -2.48
C GLY B 279 19.82 -24.41 -3.02
N LYS B 280 20.39 -23.40 -3.68
CA LYS B 280 21.77 -23.45 -4.22
C LYS B 280 22.31 -22.05 -4.51
N GLU B 281 23.63 -21.89 -4.35
CA GLU B 281 24.43 -20.79 -4.94
C GLU B 281 24.20 -20.79 -6.46
N ARG B 282 24.02 -19.61 -7.05
CA ARG B 282 23.88 -19.43 -8.52
C ARG B 282 24.86 -18.34 -8.98
N SER B 283 25.49 -18.56 -10.15
CA SER B 283 26.31 -17.56 -10.87
C SER B 283 25.39 -16.46 -11.40
N PHE B 284 25.98 -15.34 -11.83
CA PHE B 284 25.22 -14.25 -12.51
C PHE B 284 24.48 -14.85 -13.72
N THR B 285 25.20 -15.66 -14.50
CA THR B 285 24.71 -16.32 -15.74
C THR B 285 23.49 -17.20 -15.42
N GLU B 286 23.49 -17.87 -14.26
CA GLU B 286 22.41 -18.78 -13.81
C GLU B 286 21.16 -17.96 -13.44
N PHE B 287 21.33 -16.84 -12.74
CA PHE B 287 20.22 -15.91 -12.37
C PHE B 287 19.59 -15.33 -13.64
N GLU B 288 20.43 -14.87 -14.58
CA GLU B 288 20.00 -14.27 -15.87
C GLU B 288 19.14 -15.27 -16.64
N TYR B 289 19.52 -16.56 -16.63
CA TYR B 289 18.79 -17.66 -17.31
C TYR B 289 17.37 -17.79 -16.74
N LEU B 290 17.25 -17.81 -15.41
CA LEU B 290 15.97 -18.02 -14.69
C LEU B 290 15.04 -16.82 -14.93
N ALA B 291 15.61 -15.61 -14.99
CA ALA B 291 14.90 -14.35 -15.34
C ALA B 291 14.32 -14.47 -16.75
N ASN B 292 15.12 -14.96 -17.71
CA ASN B 292 14.74 -15.10 -19.14
C ASN B 292 13.62 -16.12 -19.29
N GLN B 293 13.66 -17.21 -18.52
CA GLN B 293 12.62 -18.27 -18.50
C GLN B 293 11.31 -17.68 -17.99
N ALA B 294 11.37 -16.91 -16.90
CA ALA B 294 10.22 -16.22 -16.28
C ALA B 294 9.67 -15.14 -17.22
N GLY B 295 10.53 -14.53 -18.02
CA GLY B 295 10.18 -13.56 -19.07
C GLY B 295 10.52 -12.13 -18.66
N LEU B 296 11.76 -11.91 -18.20
CA LEU B 296 12.30 -10.57 -17.82
C LEU B 296 13.66 -10.36 -18.51
N VAL B 297 14.12 -9.11 -18.60
CA VAL B 297 15.44 -8.73 -19.19
C VAL B 297 16.33 -8.21 -18.06
N VAL B 298 17.64 -8.53 -18.12
CA VAL B 298 18.69 -7.89 -17.30
C VAL B 298 19.02 -6.54 -17.94
N GLN B 299 18.44 -5.45 -17.42
CA GLN B 299 18.68 -4.07 -17.91
C GLN B 299 20.02 -3.55 -17.38
N GLU B 300 20.28 -3.75 -16.09
CA GLU B 300 21.49 -3.23 -15.38
C GLU B 300 22.11 -4.36 -14.55
N THR B 301 23.44 -4.36 -14.45
CA THR B 301 24.28 -5.41 -13.79
C THR B 301 25.40 -4.74 -13.00
N LYS B 302 25.54 -5.07 -11.70
CA LYS B 302 26.64 -4.55 -10.84
C LYS B 302 27.02 -5.60 -9.79
N VAL B 303 28.27 -5.55 -9.32
CA VAL B 303 28.85 -6.46 -8.29
C VAL B 303 29.15 -5.63 -7.04
N ILE B 304 28.63 -6.05 -5.88
CA ILE B 304 28.78 -5.33 -4.58
C ILE B 304 29.66 -6.18 -3.66
N ASP B 305 30.81 -5.63 -3.26
CA ASP B 305 31.76 -6.26 -2.30
C ASP B 305 31.16 -6.17 -0.90
N GLN B 306 30.86 -7.33 -0.29
CA GLN B 306 30.49 -7.48 1.13
C GLN B 306 31.50 -8.43 1.79
N SER B 307 31.85 -8.16 3.06
CA SER B 307 32.90 -8.86 3.84
C SER B 307 32.84 -10.38 3.62
N TYR B 308 31.67 -10.99 3.80
CA TYR B 308 31.46 -12.46 3.91
C TYR B 308 31.33 -13.11 2.52
N SER B 309 30.69 -12.42 1.57
CA SER B 309 30.39 -12.94 0.21
C SER B 309 30.12 -11.79 -0.76
N PRO B 310 30.46 -11.94 -2.06
CA PRO B 310 30.08 -10.97 -3.08
C PRO B 310 28.61 -11.12 -3.51
N TYR B 311 27.96 -9.99 -3.83
CA TYR B 311 26.55 -9.89 -4.27
C TYR B 311 26.48 -9.59 -5.77
N SER B 312 25.35 -9.93 -6.39
CA SER B 312 25.02 -9.60 -7.80
C SER B 312 23.77 -8.71 -7.85
N PHE B 313 23.95 -7.41 -8.10
CA PHE B 313 22.88 -6.41 -8.30
C PHE B 313 22.34 -6.53 -9.73
N ILE B 314 21.11 -7.04 -9.88
CA ILE B 314 20.48 -7.36 -11.20
C ILE B 314 19.13 -6.64 -11.31
N LYS B 315 19.09 -5.57 -12.11
CA LYS B 315 17.88 -4.78 -12.44
C LYS B 315 17.14 -5.48 -13.59
N LEU B 316 15.87 -5.85 -13.38
CA LEU B 316 15.05 -6.63 -14.34
C LEU B 316 13.77 -5.85 -14.69
N GLN B 317 13.31 -5.98 -15.94
CA GLN B 317 12.06 -5.36 -16.48
C GLN B 317 11.31 -6.41 -17.30
N ILE B 318 10.01 -6.19 -17.57
CA ILE B 318 9.04 -7.27 -17.95
C ILE B 318 9.26 -7.70 -19.41
N LYS B 319 9.88 -6.86 -20.24
CA LYS B 319 10.14 -7.13 -21.68
C LYS B 319 8.81 -7.13 -22.43
N SAM C . -16.30 8.11 -4.84
CA SAM C . -15.88 9.54 -4.62
C SAM C . -16.87 10.21 -3.66
O SAM C . -16.48 11.00 -2.79
OXT SAM C . -18.07 9.94 -3.74
CB SAM C . -15.78 10.34 -5.92
CG SAM C . -16.83 10.03 -6.97
SD SAM C . -16.65 11.12 -8.39
CE SAM C . -18.23 10.98 -9.22
C5' SAM C . -15.65 10.06 -9.46
C4' SAM C . -14.17 10.09 -9.17
O4' SAM C . -13.46 9.30 -10.16
C3' SAM C . -13.51 11.48 -9.20
O3' SAM C . -12.85 11.73 -7.96
C2' SAM C . -12.52 11.41 -10.36
O2' SAM C . -11.33 12.14 -10.13
C1' SAM C . -12.23 9.92 -10.42
N9 SAM C . -11.73 9.44 -11.71
C8 SAM C . -12.15 9.84 -12.96
N7 SAM C . -11.53 9.23 -13.93
C5 SAM C . -10.66 8.35 -13.29
C6 SAM C . -9.73 7.41 -13.79
N6 SAM C . -9.52 7.19 -15.07
N1 SAM C . -9.04 6.69 -12.87
C2 SAM C . -9.25 6.92 -11.57
N3 SAM C . -10.09 7.78 -11.01
C4 SAM C . -10.78 8.47 -11.92
N TRP D . -24.55 16.30 -6.24
CA TRP D . -25.82 16.87 -6.80
C TRP D . -26.99 15.97 -6.41
O TRP D . -26.86 15.11 -5.52
CB TRP D . -25.77 17.07 -8.32
CG TRP D . -24.43 17.34 -8.93
CD1 TRP D . -23.89 18.56 -9.27
CD2 TRP D . -23.46 16.36 -9.35
NE1 TRP D . -22.66 18.39 -9.83
CE2 TRP D . -22.36 17.06 -9.90
CE3 TRP D . -23.40 14.96 -9.28
CZ2 TRP D . -21.24 16.40 -10.38
CZ3 TRP D . -22.28 14.31 -9.77
CH2 TRP D . -21.22 15.03 -10.31
OXT TRP D . -28.10 16.06 -6.96
C1 GOL E . -17.44 32.67 -1.96
O1 GOL E . -17.71 32.45 -3.34
C2 GOL E . -18.68 32.52 -1.10
O2 GOL E . -19.19 31.19 -1.25
C3 GOL E . -18.43 32.82 0.36
O3 GOL E . -19.54 32.44 1.17
C1 GOL F . -3.79 10.74 -18.53
O1 GOL F . -3.33 11.81 -17.71
C2 GOL F . -5.15 10.27 -18.11
O2 GOL F . -5.63 9.28 -19.02
C3 GOL F . -5.18 9.73 -16.70
O3 GOL F . -6.47 9.22 -16.34
C1 GOL G . -4.02 14.73 -13.01
O1 GOL G . -3.96 15.60 -11.88
C2 GOL G . -2.74 13.96 -13.20
O2 GOL G . -2.96 12.84 -14.07
C3 GOL G . -1.62 14.82 -13.75
O3 GOL G . -0.36 14.14 -13.69
C1 GOL H . -12.16 6.33 -22.27
O1 GOL H . -11.48 7.57 -22.44
C2 GOL H . -11.59 5.25 -23.18
O2 GOL H . -12.02 3.97 -22.73
C3 GOL H . -11.97 5.45 -24.64
O3 GOL H . -13.33 5.11 -24.88
N SAM I . 15.80 -10.37 1.81
CA SAM I . 15.63 -10.44 3.30
C SAM I . 16.93 -9.99 3.98
O SAM I . 16.89 -9.49 5.10
OXT SAM I . 18.01 -10.11 3.42
CB SAM I . 15.25 -11.86 3.77
CG SAM I . 16.02 -13.02 3.14
SD SAM I . 15.47 -14.58 3.89
CE SAM I . 16.62 -15.77 3.23
C5' SAM I . 14.05 -14.93 2.83
C4' SAM I . 12.74 -14.41 3.38
O4' SAM I . 11.66 -14.97 2.58
C3' SAM I . 12.43 -14.80 4.83
O3' SAM I . 12.16 -13.64 5.60
C2' SAM I . 11.19 -15.72 4.73
O2' SAM I . 10.29 -15.55 5.80
C1' SAM I . 10.57 -15.22 3.42
N9 SAM I . 9.71 -16.19 2.76
C8 SAM I . 9.91 -17.55 2.64
N7 SAM I . 8.96 -18.17 1.99
C5 SAM I . 8.08 -17.15 1.64
C6 SAM I . 6.86 -17.17 0.93
N6 SAM I . 6.32 -18.27 0.43
N1 SAM I . 6.23 -15.99 0.75
C2 SAM I . 6.78 -14.87 1.25
N3 SAM I . 7.91 -14.74 1.94
C4 SAM I . 8.53 -15.94 2.11
C1 GOL J . 21.08 -17.87 5.21
O1 GOL J . 19.94 -18.72 4.98
C2 GOL J . 22.11 -18.54 6.08
O2 GOL J . 22.95 -17.55 6.67
C3 GOL J . 21.51 -19.42 7.16
O3 GOL J . 22.45 -19.70 8.20
#